data_2OV9
#
_entry.id   2OV9
#
_cell.length_a   77.705
_cell.length_b   70.132
_cell.length_c   81.511
_cell.angle_alpha   90.00
_cell.angle_beta   116.22
_cell.angle_gamma   90.00
#
_symmetry.space_group_name_H-M   'P 1 21 1'
#
loop_
_entity.id
_entity.type
_entity.pdbx_description
1 polymer 'Hypothetical protein'
2 non-polymer 'SULFATE ION'
3 water water
#
_entity_poly.entity_id   1
_entity_poly.type   'polypeptide(L)'
_entity_poly.pdbx_seq_one_letter_code
;VSVGTHPTFENSPSGTVLTSPPDGSAVDRATDAARRVVDALLRTDRGNANLERVAEELNSIAGHLEEHAPAVAERLID
(MSE)WNGEGVTRHDPVTGPENALAPPVVLEGLSDGSVRGTVTLTIPYQGPPGHVHGGVSALLLDHVLGVANAWGGKAG
(MSE)TAQLSTRYHRPTPLFEPLTLTGKL(MSE)SVDGRKITTAGDIRTADGQVCVSVEGLFVDKTVPRPR
;
_entity_poly.pdbx_strand_id   A,B,C,D
#
# COMPACT_ATOMS: atom_id res chain seq x y z
N PRO A 7 22.44 -13.88 -26.50
CA PRO A 7 23.80 -14.38 -26.69
C PRO A 7 24.17 -15.44 -25.66
N THR A 8 24.84 -16.49 -26.11
CA THR A 8 25.34 -17.52 -25.21
C THR A 8 26.79 -17.83 -25.57
N PHE A 9 27.55 -18.32 -24.59
CA PHE A 9 28.97 -18.63 -24.81
C PHE A 9 29.21 -19.60 -25.97
N GLU A 10 28.15 -20.29 -26.40
CA GLU A 10 28.19 -21.22 -27.53
C GLU A 10 28.27 -20.43 -28.84
N ASN A 11 27.42 -19.40 -28.94
CA ASN A 11 27.26 -18.63 -30.19
C ASN A 11 27.97 -17.28 -30.22
N SER A 12 28.53 -16.87 -29.09
CA SER A 12 29.14 -15.55 -28.97
C SER A 12 30.57 -15.57 -28.42
N PRO A 13 31.42 -14.62 -28.87
CA PRO A 13 32.81 -14.56 -28.42
C PRO A 13 32.98 -14.12 -26.97
N SER A 14 34.15 -14.44 -26.39
CA SER A 14 34.56 -13.96 -25.08
C SER A 14 34.63 -12.43 -25.11
N GLY A 15 34.07 -11.78 -24.11
CA GLY A 15 34.10 -10.32 -24.05
C GLY A 15 32.83 -9.65 -24.53
N THR A 16 31.87 -10.46 -24.98
CA THR A 16 30.56 -9.96 -25.41
C THR A 16 29.90 -9.23 -24.25
N VAL A 17 29.63 -7.94 -24.41
CA VAL A 17 28.93 -7.18 -23.38
C VAL A 17 27.47 -7.63 -23.39
N LEU A 18 26.94 -7.96 -22.21
CA LEU A 18 25.64 -8.60 -22.11
C LEU A 18 24.53 -7.66 -21.69
N THR A 19 24.90 -6.68 -20.88
CA THR A 19 23.96 -5.69 -20.39
C THR A 19 23.92 -4.50 -21.34
N SER A 20 23.14 -3.50 -20.98
CA SER A 20 23.07 -2.27 -21.75
C SER A 20 23.69 -1.10 -20.98
N PRO A 21 25.00 -0.83 -21.19
CA PRO A 21 25.69 0.24 -20.47
C PRO A 21 25.15 1.62 -20.85
N PRO A 22 25.26 2.62 -19.94
CA PRO A 22 24.83 3.99 -20.24
C PRO A 22 25.43 4.56 -21.53
N ASP A 23 24.73 5.51 -22.14
CA ASP A 23 25.17 6.20 -23.36
C ASP A 23 25.41 7.67 -23.09
N GLY A 24 25.83 8.39 -24.14
CA GLY A 24 25.91 9.85 -24.11
C GLY A 24 24.56 10.50 -24.44
N SER A 25 23.54 9.66 -24.66
CA SER A 25 22.20 10.13 -24.99
C SER A 25 21.30 9.99 -23.78
N ALA A 26 20.07 10.46 -23.79
CA ALA A 26 19.72 11.79 -23.39
C ALA A 26 19.05 11.23 -22.11
N VAL A 27 18.26 10.18 -22.29
CA VAL A 27 17.70 9.47 -21.11
C VAL A 27 18.81 8.87 -20.24
N ASP A 28 19.90 8.38 -20.83
CA ASP A 28 20.98 7.83 -20.02
C ASP A 28 21.74 8.90 -19.27
N ARG A 29 21.91 10.06 -19.89
CA ARG A 29 22.53 11.19 -19.23
C ARG A 29 21.66 11.75 -18.11
N ALA A 30 20.34 11.82 -18.31
CA ALA A 30 19.43 12.24 -17.23
C ALA A 30 19.46 11.27 -16.06
N THR A 31 19.56 9.97 -16.38
CA THR A 31 19.58 8.99 -15.30
C THR A 31 20.90 9.08 -14.52
N ASP A 32 22.00 9.22 -15.26
CA ASP A 32 23.31 9.42 -14.66
C ASP A 32 23.28 10.65 -13.73
N ALA A 33 22.62 11.71 -14.17
CA ALA A 33 22.49 12.92 -13.37
C ALA A 33 21.59 12.67 -12.14
N ALA A 34 20.55 11.86 -12.29
CA ALA A 34 19.76 11.45 -11.10
C ALA A 34 20.57 10.64 -10.08
N ARG A 35 21.44 9.76 -10.58
CA ARG A 35 22.31 8.98 -9.71
C ARG A 35 23.22 9.92 -8.91
N ARG A 36 23.67 10.98 -9.56
CA ARG A 36 24.55 11.99 -8.95
C ARG A 36 23.83 12.73 -7.81
N VAL A 37 22.58 13.11 -8.04
CA VAL A 37 21.72 13.72 -7.05
C VAL A 37 21.49 12.78 -5.84
N VAL A 38 21.12 11.54 -6.11
CA VAL A 38 20.92 10.53 -5.05
C VAL A 38 22.12 10.47 -4.10
N ASP A 39 23.32 10.42 -4.68
CA ASP A 39 24.55 10.39 -3.88
C ASP A 39 24.74 11.69 -3.10
N ALA A 40 24.48 12.82 -3.75
CA ALA A 40 24.70 14.11 -3.14
C ALA A 40 23.79 14.34 -1.95
N LEU A 41 22.55 13.91 -2.07
CA LEU A 41 21.57 14.02 -0.98
C LEU A 41 22.04 13.39 0.33
N LEU A 42 22.84 12.33 0.25
CA LEU A 42 23.33 11.65 1.45
C LEU A 42 24.50 12.37 2.11
N ARG A 43 25.12 13.30 1.39
CA ARG A 43 26.31 14.02 1.85
C ARG A 43 26.02 15.50 2.16
N THR A 44 24.86 15.98 1.78
CA THR A 44 24.64 17.43 1.75
C THR A 44 24.22 18.03 3.12
N ASP A 45 24.30 19.36 3.22
CA ASP A 45 23.90 20.05 4.44
C ASP A 45 22.38 20.01 4.62
N ARG A 46 21.92 19.29 5.63
CA ARG A 46 20.49 19.20 5.91
C ARG A 46 19.87 20.56 6.30
N GLY A 47 20.71 21.46 6.78
CA GLY A 47 20.26 22.79 7.21
C GLY A 47 20.21 23.82 6.11
N ASN A 48 20.64 23.44 4.90
CA ASN A 48 20.70 24.33 3.77
C ASN A 48 19.29 24.79 3.36
N ALA A 49 19.04 26.10 3.50
CA ALA A 49 17.72 26.66 3.23
C ALA A 49 17.28 26.45 1.77
N ASN A 50 18.24 26.39 0.85
CA ASN A 50 17.94 26.11 -0.57
C ASN A 50 17.27 24.77 -0.87
N LEU A 51 17.31 23.82 0.07
CA LEU A 51 16.67 22.53 -0.14
C LEU A 51 15.18 22.68 -0.40
N GLU A 52 14.61 23.77 0.08
CA GLU A 52 13.21 24.06 -0.21
C GLU A 52 13.01 24.18 -1.73
N ARG A 53 13.84 25.01 -2.39
CA ARG A 53 13.73 25.24 -3.84
C ARG A 53 14.17 24.00 -4.63
N VAL A 54 15.24 23.32 -4.17
CA VAL A 54 15.68 22.07 -4.76
C VAL A 54 14.55 21.04 -4.83
N ALA A 55 13.79 20.87 -3.76
CA ALA A 55 12.69 19.92 -3.78
C ALA A 55 11.67 20.37 -4.81
N GLU A 56 11.38 21.67 -4.88
CA GLU A 56 10.47 22.17 -5.89
C GLU A 56 10.93 21.85 -7.31
N GLU A 57 12.22 22.01 -7.58
CA GLU A 57 12.77 21.73 -8.92
C GLU A 57 12.64 20.23 -9.23
N LEU A 58 13.02 19.38 -8.28
CA LEU A 58 12.96 17.92 -8.52
C LEU A 58 11.52 17.49 -8.79
N ASN A 59 10.60 18.05 -8.02
CA ASN A 59 9.18 17.81 -8.28
C ASN A 59 8.72 18.31 -9.65
N SER A 60 9.24 19.47 -10.06
CA SER A 60 8.92 20.05 -11.36
C SER A 60 9.45 19.13 -12.47
N ILE A 61 10.70 18.68 -12.31
CA ILE A 61 11.27 17.73 -13.25
C ILE A 61 10.45 16.43 -13.30
N ALA A 62 10.05 15.92 -12.15
CA ALA A 62 9.32 14.67 -12.11
C ALA A 62 8.00 14.85 -12.84
N GLY A 63 7.31 15.97 -12.58
CA GLY A 63 6.07 16.29 -13.29
C GLY A 63 6.29 16.27 -14.80
N HIS A 64 7.37 16.90 -15.26
CA HIS A 64 7.67 16.91 -16.71
C HIS A 64 7.81 15.48 -17.24
N LEU A 65 8.67 14.70 -16.59
CA LEU A 65 8.89 13.28 -16.99
C LEU A 65 7.61 12.46 -16.99
N GLU A 66 6.77 12.66 -15.98
CA GLU A 66 5.47 12.03 -15.87
C GLU A 66 4.53 12.39 -17.02
N GLU A 67 4.52 13.67 -17.39
CA GLU A 67 3.65 14.16 -18.45
CA GLU A 67 3.64 14.15 -18.45
C GLU A 67 4.16 13.75 -19.85
N HIS A 68 5.44 13.39 -19.95
CA HIS A 68 6.05 12.94 -21.21
C HIS A 68 6.28 11.43 -21.22
N ALA A 69 5.18 10.68 -21.12
CA ALA A 69 5.26 9.25 -21.04
C ALA A 69 4.35 8.69 -22.12
N PRO A 70 4.74 7.57 -22.75
CA PRO A 70 3.88 6.98 -23.78
C PRO A 70 2.56 6.46 -23.22
N ALA A 71 1.56 6.29 -24.10
CA ALA A 71 0.27 5.67 -23.75
C ALA A 71 0.47 4.26 -23.18
N VAL A 72 1.08 3.38 -23.97
CA VAL A 72 1.50 2.05 -23.47
C VAL A 72 2.96 2.07 -23.00
N ALA A 73 3.23 1.46 -21.85
CA ALA A 73 4.60 1.35 -21.33
C ALA A 73 5.43 0.40 -22.20
N GLU A 74 6.74 0.63 -22.25
CA GLU A 74 7.64 -0.18 -23.06
C GLU A 74 7.73 -1.61 -22.53
N ARG A 75 7.84 -2.56 -23.46
CA ARG A 75 7.94 -3.98 -23.14
C ARG A 75 9.21 -4.29 -22.35
N LEU A 76 9.08 -5.22 -21.42
CA LEU A 76 10.20 -5.61 -20.56
C LEU A 76 10.71 -6.98 -20.97
N ILE A 77 12.00 -7.21 -20.78
CA ILE A 77 12.62 -8.50 -21.05
C ILE A 77 12.51 -9.39 -19.80
N ASP A 78 11.80 -10.51 -19.91
CA ASP A 78 11.70 -11.42 -18.77
C ASP A 78 12.82 -12.45 -18.84
N TRP A 80 14.11 -14.35 -16.67
CA TRP A 80 13.90 -15.58 -15.93
C TRP A 80 12.99 -16.55 -16.69
N ASN A 81 12.38 -16.04 -17.76
CA ASN A 81 11.54 -16.85 -18.64
C ASN A 81 12.21 -17.00 -20.03
N GLY A 82 13.52 -16.84 -20.07
CA GLY A 82 14.30 -17.06 -21.29
C GLY A 82 14.13 -16.02 -22.40
N GLU A 83 13.83 -14.77 -22.02
CA GLU A 83 13.64 -13.73 -23.03
C GLU A 83 14.90 -12.89 -23.34
N GLY A 84 15.98 -13.13 -22.60
CA GLY A 84 17.21 -12.37 -22.77
C GLY A 84 17.55 -11.60 -21.50
N VAL A 85 18.60 -10.80 -21.56
CA VAL A 85 19.07 -10.05 -20.41
C VAL A 85 18.18 -8.82 -20.18
N THR A 86 17.79 -8.59 -18.93
CA THR A 86 16.96 -7.43 -18.57
C THR A 86 17.69 -6.11 -18.82
N ARG A 87 16.93 -5.06 -19.13
CA ARG A 87 17.49 -3.72 -19.20
C ARG A 87 16.85 -2.74 -18.19
N HIS A 88 15.96 -3.24 -17.33
CA HIS A 88 15.13 -2.35 -16.49
C HIS A 88 15.45 -2.52 -15.01
N ASP A 89 16.34 -3.46 -14.70
CA ASP A 89 16.54 -3.91 -13.34
C ASP A 89 17.41 -2.95 -12.52
N PRO A 90 17.30 -3.03 -11.19
CA PRO A 90 18.03 -2.15 -10.30
C PRO A 90 19.48 -2.56 -10.07
N VAL A 91 20.02 -3.43 -10.92
CA VAL A 91 21.46 -3.77 -10.88
C VAL A 91 22.20 -3.25 -12.14
N THR A 92 21.59 -3.45 -13.31
CA THR A 92 22.23 -3.09 -14.60
C THR A 92 21.49 -2.07 -15.45
N GLY A 93 20.26 -1.72 -15.09
CA GLY A 93 19.40 -0.94 -16.00
C GLY A 93 19.92 0.46 -16.21
N PRO A 94 20.26 0.83 -17.46
CA PRO A 94 20.85 2.16 -17.71
C PRO A 94 19.93 3.31 -17.34
N GLU A 95 18.62 3.08 -17.41
CA GLU A 95 17.66 4.11 -17.06
C GLU A 95 17.11 3.98 -15.63
N ASN A 96 17.68 3.06 -14.85
CA ASN A 96 17.28 2.82 -13.47
C ASN A 96 18.32 3.43 -12.54
N ALA A 97 17.96 4.57 -11.93
CA ALA A 97 18.93 5.28 -11.10
C ALA A 97 19.30 4.54 -9.81
N LEU A 98 18.56 3.46 -9.52
CA LEU A 98 18.92 2.60 -8.39
C LEU A 98 20.09 1.72 -8.72
N ALA A 99 20.31 1.45 -10.01
CA ALA A 99 21.43 0.62 -10.46
C ALA A 99 22.73 1.41 -10.42
N PRO A 100 23.83 0.79 -9.98
CA PRO A 100 25.09 1.53 -10.01
C PRO A 100 25.39 2.32 -11.30
N PRO A 101 25.21 1.72 -12.52
CA PRO A 101 24.82 0.37 -12.91
C PRO A 101 26.03 -0.54 -13.07
N VAL A 102 25.80 -1.84 -13.01
CA VAL A 102 26.85 -2.83 -13.26
C VAL A 102 26.84 -3.19 -14.73
N VAL A 103 28.01 -3.23 -15.36
CA VAL A 103 28.15 -3.72 -16.72
C VAL A 103 28.70 -5.16 -16.69
N LEU A 104 28.02 -6.08 -17.37
CA LEU A 104 28.46 -7.48 -17.40
C LEU A 104 28.82 -7.97 -18.80
N GLU A 105 29.88 -8.77 -18.90
CA GLU A 105 30.25 -9.41 -20.16
C GLU A 105 30.33 -10.92 -20.05
N GLY A 106 30.06 -11.61 -21.16
CA GLY A 106 30.13 -13.06 -21.22
C GLY A 106 31.49 -13.56 -21.67
N LEU A 107 31.96 -14.64 -21.06
CA LEU A 107 33.27 -15.22 -21.37
C LEU A 107 33.17 -16.64 -21.94
N SER A 108 34.18 -17.02 -22.72
CA SER A 108 34.24 -18.33 -23.41
C SER A 108 33.99 -19.54 -22.53
N ASP A 109 34.52 -19.51 -21.30
CA ASP A 109 34.33 -20.61 -20.35
C ASP A 109 32.89 -20.68 -19.81
N GLY A 110 32.02 -19.80 -20.29
CA GLY A 110 30.62 -19.79 -19.84
C GLY A 110 30.34 -18.83 -18.69
N SER A 111 31.41 -18.26 -18.11
CA SER A 111 31.23 -17.32 -16.99
C SER A 111 30.84 -15.92 -17.44
N VAL A 112 30.23 -15.16 -16.53
CA VAL A 112 29.96 -13.75 -16.76
C VAL A 112 30.73 -12.98 -15.69
N ARG A 113 31.08 -11.73 -16.00
CA ARG A 113 31.91 -10.91 -15.14
C ARG A 113 31.72 -9.42 -15.40
N GLY A 114 31.79 -8.64 -14.34
CA GLY A 114 31.85 -7.19 -14.44
C GLY A 114 32.60 -6.59 -13.26
N THR A 115 32.99 -5.32 -13.40
CA THR A 115 33.69 -4.60 -12.34
C THR A 115 32.90 -3.35 -11.96
N VAL A 116 32.70 -3.18 -10.65
CA VAL A 116 31.93 -2.06 -10.12
C VAL A 116 32.57 -1.43 -8.88
N THR A 117 32.53 -0.11 -8.84
CA THR A 117 32.91 0.64 -7.66
C THR A 117 31.63 1.18 -7.04
N LEU A 118 31.37 0.75 -5.81
CA LEU A 118 30.13 1.11 -5.14
C LEU A 118 30.28 2.36 -4.27
N THR A 119 29.17 3.08 -4.14
CA THR A 119 29.14 4.43 -3.60
C THR A 119 28.26 4.47 -2.35
N ILE A 120 28.14 5.64 -1.72
CA ILE A 120 27.49 5.72 -0.39
C ILE A 120 26.01 5.36 -0.32
N PRO A 121 25.24 5.49 -1.43
CA PRO A 121 23.88 4.97 -1.26
C PRO A 121 23.79 3.47 -0.94
N TYR A 122 24.85 2.72 -1.24
CA TYR A 122 24.86 1.26 -1.04
C TYR A 122 25.45 0.83 0.30
N GLN A 123 25.77 1.80 1.16
CA GLN A 123 26.42 1.57 2.43
C GLN A 123 25.55 0.82 3.45
N GLY A 124 26.17 -0.15 4.13
CA GLY A 124 25.57 -0.77 5.31
C GLY A 124 26.49 -0.43 6.47
N PRO A 125 27.35 -1.38 6.87
CA PRO A 125 28.33 -0.97 7.86
C PRO A 125 29.15 0.20 7.27
N PRO A 126 29.57 1.16 8.13
CA PRO A 126 30.35 2.32 7.70
C PRO A 126 31.51 1.97 6.76
N GLY A 127 31.60 2.68 5.64
CA GLY A 127 32.62 2.43 4.61
C GLY A 127 32.45 1.17 3.79
N HIS A 128 31.38 0.42 4.04
CA HIS A 128 31.21 -0.89 3.44
C HIS A 128 29.85 -1.11 2.82
N VAL A 129 29.81 -2.08 1.92
CA VAL A 129 28.62 -2.37 1.15
C VAL A 129 27.62 -3.13 2.02
N HIS A 130 26.35 -2.70 2.01
CA HIS A 130 25.30 -3.43 2.72
C HIS A 130 25.27 -4.89 2.26
N GLY A 131 25.26 -5.83 3.21
CA GLY A 131 25.19 -7.25 2.88
C GLY A 131 24.04 -7.57 1.95
N GLY A 132 22.93 -6.85 2.09
CA GLY A 132 21.75 -7.08 1.25
C GLY A 132 21.98 -6.59 -0.16
N VAL A 133 22.77 -5.53 -0.31
CA VAL A 133 23.21 -5.07 -1.65
C VAL A 133 24.09 -6.12 -2.34
N SER A 134 25.09 -6.65 -1.64
CA SER A 134 25.84 -7.80 -2.17
C SER A 134 24.94 -8.94 -2.65
N ALA A 135 23.95 -9.32 -1.85
CA ALA A 135 22.98 -10.34 -2.22
C ALA A 135 22.23 -10.00 -3.49
N LEU A 136 21.75 -8.76 -3.58
CA LEU A 136 21.05 -8.26 -4.76
C LEU A 136 21.91 -8.39 -6.00
N LEU A 137 23.12 -7.85 -5.92
CA LEU A 137 24.03 -7.84 -7.05
C LEU A 137 24.29 -9.26 -7.51
N LEU A 138 24.60 -10.13 -6.55
CA LEU A 138 24.88 -11.53 -6.87
C LEU A 138 23.68 -12.27 -7.48
N ASP A 139 22.50 -12.04 -6.93
CA ASP A 139 21.29 -12.64 -7.45
C ASP A 139 21.16 -12.31 -8.93
N HIS A 140 21.30 -11.04 -9.30
CA HIS A 140 21.14 -10.68 -10.69
C HIS A 140 22.25 -11.28 -11.56
N VAL A 141 23.48 -11.21 -11.08
CA VAL A 141 24.59 -11.83 -11.81
C VAL A 141 24.32 -13.30 -12.14
N LEU A 142 23.69 -14.03 -11.22
CA LEU A 142 23.37 -15.45 -11.47
C LEU A 142 22.33 -15.59 -12.58
N GLY A 143 21.33 -14.71 -12.58
CA GLY A 143 20.35 -14.73 -13.66
C GLY A 143 21.01 -14.48 -15.00
N VAL A 144 21.91 -13.53 -15.05
CA VAL A 144 22.64 -13.26 -16.29
C VAL A 144 23.50 -14.46 -16.72
N ALA A 145 24.22 -15.06 -15.78
CA ALA A 145 25.04 -16.26 -16.04
C ALA A 145 24.20 -17.38 -16.66
N ASN A 146 22.99 -17.59 -16.13
CA ASN A 146 22.08 -18.54 -16.73
C ASN A 146 21.72 -18.17 -18.16
N ALA A 147 21.41 -16.91 -18.40
CA ALA A 147 21.08 -16.45 -19.76
C ALA A 147 22.23 -16.67 -20.75
N TRP A 148 23.45 -16.33 -20.34
CA TRP A 148 24.66 -16.54 -21.13
C TRP A 148 24.93 -18.04 -21.33
N GLY A 149 24.52 -18.86 -20.37
CA GLY A 149 24.64 -20.30 -20.50
C GLY A 149 23.45 -20.91 -21.24
N GLY A 150 22.52 -20.05 -21.66
CA GLY A 150 21.40 -20.48 -22.50
C GLY A 150 20.29 -21.17 -21.75
N LYS A 151 20.30 -21.01 -20.43
CA LYS A 151 19.27 -21.54 -19.57
C LYS A 151 18.54 -20.44 -18.83
N ALA A 152 17.35 -20.76 -18.36
CA ALA A 152 16.58 -19.81 -17.60
C ALA A 152 15.66 -20.57 -16.68
N GLY A 153 15.56 -20.10 -15.45
CA GLY A 153 14.61 -20.65 -14.51
C GLY A 153 14.28 -19.59 -13.48
N THR A 155 13.97 -18.25 -9.74
CA THR A 155 14.77 -18.46 -8.55
C THR A 155 14.03 -19.33 -7.52
N ALA A 156 14.75 -20.31 -6.98
CA ALA A 156 14.19 -21.18 -5.96
C ALA A 156 14.83 -20.88 -4.62
N GLN A 157 16.15 -20.85 -4.59
CA GLN A 157 16.89 -20.59 -3.37
C GLN A 157 18.22 -19.93 -3.70
N LEU A 158 18.68 -19.03 -2.83
CA LEU A 158 19.92 -18.29 -2.98
C LEU A 158 20.59 -18.42 -1.62
N SER A 159 21.79 -19.01 -1.58
CA SER A 159 22.52 -19.17 -0.33
C SER A 159 23.78 -18.31 -0.42
N THR A 160 23.85 -17.27 0.41
CA THR A 160 24.86 -16.22 0.28
C THR A 160 25.74 -16.29 1.51
N ARG A 161 27.06 -16.39 1.29
CA ARG A 161 28.02 -16.57 2.37
C ARG A 161 28.91 -15.35 2.39
N TYR A 162 29.12 -14.79 3.57
CA TYR A 162 29.89 -13.56 3.71
C TYR A 162 31.25 -13.89 4.30
N HIS A 163 32.30 -13.74 3.51
CA HIS A 163 33.63 -14.17 3.93
C HIS A 163 34.44 -13.03 4.53
N ARG A 164 34.41 -11.88 3.88
CA ARG A 164 35.19 -10.72 4.32
C ARG A 164 34.34 -9.49 4.09
N PRO A 165 34.64 -8.37 4.78
CA PRO A 165 33.83 -7.14 4.51
C PRO A 165 34.00 -6.68 3.07
N THR A 166 32.92 -6.12 2.51
CA THR A 166 32.96 -5.64 1.13
C THR A 166 33.03 -4.10 1.14
N PRO A 167 34.18 -3.54 0.70
CA PRO A 167 34.37 -2.10 0.82
C PRO A 167 33.68 -1.27 -0.25
N LEU A 168 33.21 -0.09 0.14
CA LEU A 168 32.80 0.95 -0.80
C LEU A 168 34.05 1.57 -1.42
N PHE A 169 33.84 2.34 -2.48
CA PHE A 169 34.85 3.21 -3.10
C PHE A 169 36.04 2.50 -3.73
N GLU A 170 35.89 1.22 -4.05
CA GLU A 170 36.95 0.52 -4.78
C GLU A 170 36.42 -0.55 -5.74
N PRO A 171 37.21 -0.86 -6.80
CA PRO A 171 36.76 -1.80 -7.82
C PRO A 171 36.51 -3.20 -7.27
N LEU A 172 35.27 -3.66 -7.41
CA LEU A 172 34.87 -4.99 -7.06
C LEU A 172 34.54 -5.75 -8.32
N THR A 173 34.96 -7.02 -8.36
CA THR A 173 34.69 -7.91 -9.48
C THR A 173 33.53 -8.85 -9.13
N LEU A 174 32.51 -8.86 -9.97
CA LEU A 174 31.36 -9.77 -9.83
C LEU A 174 31.46 -10.83 -10.92
N THR A 175 31.31 -12.09 -10.52
CA THR A 175 31.43 -13.21 -11.44
C THR A 175 30.32 -14.20 -11.11
N GLY A 176 29.74 -14.80 -12.15
CA GLY A 176 28.74 -15.86 -12.01
C GLY A 176 28.91 -16.86 -13.13
N LYS A 177 28.53 -18.12 -12.87
CA LYS A 177 28.62 -19.16 -13.88
C LYS A 177 27.59 -20.25 -13.58
N LEU A 178 26.86 -20.67 -14.61
CA LEU A 178 25.99 -21.83 -14.50
C LEU A 178 26.88 -23.04 -14.27
N SER A 180 25.62 -26.49 -13.26
CA SER A 180 25.06 -27.76 -13.67
C SER A 180 23.57 -27.61 -13.95
N VAL A 181 23.04 -28.58 -14.70
CA VAL A 181 21.61 -28.72 -14.92
C VAL A 181 21.25 -30.19 -14.71
N ASP A 182 20.30 -30.43 -13.81
CA ASP A 182 19.92 -31.78 -13.39
C ASP A 182 18.40 -31.78 -13.39
N GLY A 183 17.82 -32.29 -14.47
CA GLY A 183 16.38 -32.23 -14.69
C GLY A 183 15.92 -30.79 -14.85
N ARG A 184 14.95 -30.37 -14.01
CA ARG A 184 14.49 -28.98 -14.00
C ARG A 184 15.40 -28.03 -13.19
N LYS A 185 16.34 -28.60 -12.44
CA LYS A 185 17.12 -27.80 -11.49
C LYS A 185 18.39 -27.24 -12.11
N ILE A 186 18.51 -25.92 -12.09
CA ILE A 186 19.69 -25.22 -12.57
C ILE A 186 20.47 -24.79 -11.33
N THR A 187 21.77 -25.04 -11.32
CA THR A 187 22.61 -24.63 -10.20
C THR A 187 23.62 -23.62 -10.74
N THR A 188 23.71 -22.47 -10.06
CA THR A 188 24.51 -21.35 -10.54
C THR A 188 25.30 -20.80 -9.36
N ALA A 189 26.54 -20.41 -9.59
CA ALA A 189 27.38 -19.94 -8.49
C ALA A 189 28.06 -18.64 -8.89
N GLY A 190 28.34 -17.79 -7.92
CA GLY A 190 29.21 -16.63 -8.17
C GLY A 190 29.79 -16.04 -6.92
N ASP A 191 30.53 -14.94 -7.07
CA ASP A 191 31.17 -14.26 -5.93
C ASP A 191 31.49 -12.79 -6.24
N ILE A 192 31.78 -12.04 -5.19
CA ILE A 192 32.28 -10.68 -5.31
C ILE A 192 33.67 -10.75 -4.74
N ARG A 193 34.65 -10.21 -5.49
CA ARG A 193 36.05 -10.19 -5.06
C ARG A 193 36.65 -8.79 -5.15
N THR A 194 37.61 -8.53 -4.29
CA THR A 194 38.33 -7.27 -4.32
C THR A 194 39.43 -7.35 -5.39
N ALA A 195 40.12 -6.24 -5.62
CA ALA A 195 41.06 -6.15 -6.74
C ALA A 195 42.22 -7.13 -6.55
N ASP A 196 42.39 -7.61 -5.32
CA ASP A 196 43.43 -8.62 -5.06
C ASP A 196 42.92 -10.04 -5.29
N GLY A 197 41.65 -10.17 -5.69
CA GLY A 197 41.07 -11.48 -5.99
C GLY A 197 40.37 -12.16 -4.83
N GLN A 198 40.40 -11.52 -3.64
CA GLN A 198 39.81 -12.16 -2.45
C GLN A 198 38.32 -12.14 -2.50
N VAL A 199 37.74 -13.27 -2.11
CA VAL A 199 36.30 -13.42 -2.11
C VAL A 199 35.77 -12.68 -0.89
N CYS A 200 34.93 -11.69 -1.12
CA CYS A 200 34.19 -11.03 -0.05
C CYS A 200 32.88 -11.76 0.24
N VAL A 201 32.11 -12.03 -0.82
CA VAL A 201 30.82 -12.70 -0.72
C VAL A 201 30.72 -13.73 -1.83
N SER A 202 30.13 -14.90 -1.53
CA SER A 202 29.88 -15.91 -2.56
C SER A 202 28.44 -16.38 -2.46
N VAL A 203 27.98 -17.00 -3.53
CA VAL A 203 26.57 -17.38 -3.57
C VAL A 203 26.42 -18.68 -4.35
N GLU A 204 25.41 -19.46 -3.98
CA GLU A 204 25.00 -20.57 -4.81
C GLU A 204 23.50 -20.40 -4.98
N GLY A 205 23.05 -20.45 -6.23
CA GLY A 205 21.64 -20.30 -6.53
C GLY A 205 21.06 -21.53 -7.18
N LEU A 206 19.82 -21.86 -6.79
CA LEU A 206 19.07 -22.92 -7.44
C LEU A 206 17.86 -22.30 -8.10
N PHE A 207 17.67 -22.69 -9.36
CA PHE A 207 16.62 -22.18 -10.21
C PHE A 207 15.87 -23.37 -10.77
N VAL A 208 14.59 -23.17 -11.05
CA VAL A 208 13.77 -24.26 -11.57
C VAL A 208 13.28 -23.80 -12.92
N ASP A 209 13.57 -24.60 -13.95
CA ASP A 209 13.19 -24.24 -15.31
C ASP A 209 11.71 -24.49 -15.56
N THR B 5 20.27 1.97 26.32
CA THR B 5 20.00 3.14 25.41
C THR B 5 19.09 2.78 24.24
N HIS B 6 19.45 1.72 23.51
CA HIS B 6 18.70 1.30 22.33
CA HIS B 6 18.70 1.31 22.33
C HIS B 6 17.40 0.58 22.71
N PRO B 7 16.27 0.92 22.05
CA PRO B 7 14.99 0.26 22.28
C PRO B 7 15.02 -1.23 21.94
N THR B 8 14.50 -2.07 22.82
CA THR B 8 14.36 -3.51 22.58
C THR B 8 12.98 -3.95 23.00
N PHE B 9 12.61 -5.17 22.65
CA PHE B 9 11.30 -5.71 22.97
C PHE B 9 11.02 -5.75 24.49
N GLU B 10 12.05 -5.61 25.31
CA GLU B 10 11.85 -5.63 26.78
C GLU B 10 11.68 -4.25 27.41
N ASN B 11 12.22 -3.23 26.76
CA ASN B 11 12.23 -1.90 27.38
C ASN B 11 11.36 -0.87 26.68
N SER B 12 10.69 -1.28 25.61
CA SER B 12 9.87 -0.39 24.79
C SER B 12 8.53 -1.03 24.52
N PRO B 13 7.45 -0.21 24.42
CA PRO B 13 6.13 -0.80 24.07
C PRO B 13 6.09 -1.44 22.68
N SER B 14 5.22 -2.43 22.54
CA SER B 14 4.91 -2.98 21.23
C SER B 14 4.45 -1.83 20.34
N GLY B 15 4.88 -1.86 19.08
CA GLY B 15 4.52 -0.81 18.12
C GLY B 15 5.51 0.34 18.12
N THR B 16 6.64 0.18 18.79
CA THR B 16 7.68 1.20 18.80
C THR B 16 8.24 1.30 17.39
N VAL B 17 8.21 2.49 16.80
CA VAL B 17 8.73 2.69 15.45
C VAL B 17 10.23 2.65 15.59
N LEU B 18 10.90 1.79 14.81
CA LEU B 18 12.35 1.60 14.92
C LEU B 18 13.17 2.40 13.90
N THR B 19 12.56 2.59 12.75
CA THR B 19 13.15 3.36 11.66
C THR B 19 12.97 4.85 11.95
N SER B 20 13.62 5.70 11.17
CA SER B 20 13.55 7.12 11.43
C SER B 20 12.17 7.72 11.13
N PRO B 21 11.60 8.47 12.11
CA PRO B 21 10.27 9.05 11.88
C PRO B 21 10.33 10.22 10.91
N PRO B 22 9.22 10.48 10.17
CA PRO B 22 9.09 11.72 9.40
C PRO B 22 9.20 12.93 10.32
N ASP B 23 9.91 13.96 9.87
CA ASP B 23 10.18 15.14 10.67
C ASP B 23 9.73 16.43 9.95
N GLY B 24 9.27 16.29 8.71
CA GLY B 24 8.80 17.42 7.91
C GLY B 24 9.87 18.21 7.20
N SER B 25 11.15 17.84 7.38
CA SER B 25 12.26 18.52 6.69
C SER B 25 11.98 18.34 5.17
N ALA B 26 12.36 19.25 4.28
CA ALA B 26 13.67 19.86 4.20
C ALA B 26 14.35 18.84 3.26
N VAL B 27 15.39 18.20 3.79
CA VAL B 27 16.12 17.19 3.05
C VAL B 27 15.22 15.98 2.72
N ASP B 28 14.31 15.62 3.63
CA ASP B 28 13.44 14.47 3.38
C ASP B 28 12.49 14.75 2.23
N ARG B 29 12.03 16.00 2.11
CA ARG B 29 11.14 16.39 1.03
CA ARG B 29 11.15 16.40 1.03
C ARG B 29 11.88 16.31 -0.30
N ALA B 30 13.16 16.69 -0.30
CA ALA B 30 13.98 16.65 -1.50
C ALA B 30 14.25 15.20 -1.91
N THR B 31 14.53 14.35 -0.93
CA THR B 31 14.76 12.92 -1.19
C THR B 31 13.49 12.27 -1.76
N ASP B 32 12.34 12.61 -1.19
CA ASP B 32 11.07 12.14 -1.77
C ASP B 32 10.91 12.57 -3.23
N ALA B 33 11.34 13.79 -3.54
CA ALA B 33 11.24 14.31 -4.91
C ALA B 33 12.19 13.56 -5.84
N ALA B 34 13.42 13.29 -5.37
CA ALA B 34 14.34 12.41 -6.07
C ALA B 34 13.77 11.02 -6.34
N ARG B 35 13.12 10.42 -5.34
CA ARG B 35 12.52 9.10 -5.55
C ARG B 35 11.48 9.18 -6.66
N ARG B 36 10.78 10.30 -6.72
CA ARG B 36 9.72 10.49 -7.71
C ARG B 36 10.32 10.63 -9.12
N VAL B 37 11.44 11.32 -9.22
CA VAL B 37 12.22 11.43 -10.45
C VAL B 37 12.72 10.06 -10.94
N VAL B 38 13.34 9.28 -10.03
CA VAL B 38 13.80 7.91 -10.31
C VAL B 38 12.68 7.05 -10.88
N ASP B 39 11.52 7.04 -10.22
CA ASP B 39 10.35 6.34 -10.77
C ASP B 39 9.98 6.81 -12.20
N ALA B 40 9.87 8.14 -12.37
CA ALA B 40 9.38 8.73 -13.62
C ALA B 40 10.28 8.45 -14.83
N LEU B 41 11.60 8.45 -14.58
CA LEU B 41 12.60 8.16 -15.61
C LEU B 41 12.40 6.80 -16.23
N LEU B 42 11.94 5.83 -15.44
CA LEU B 42 11.73 4.47 -15.97
C LEU B 42 10.46 4.35 -16.81
N ARG B 43 9.57 5.32 -16.66
CA ARG B 43 8.30 5.32 -17.38
C ARG B 43 8.23 6.36 -18.48
N THR B 44 9.22 7.23 -18.54
CA THR B 44 9.10 8.46 -19.39
C THR B 44 9.43 8.11 -20.85
N ASP B 45 9.05 9.01 -21.77
CA ASP B 45 9.32 8.81 -23.21
C ASP B 45 10.79 9.13 -23.45
N ARG B 46 11.55 8.12 -23.88
CA ARG B 46 12.99 8.25 -24.05
C ARG B 46 13.36 9.11 -25.26
N GLY B 47 12.39 9.34 -26.13
CA GLY B 47 12.60 10.17 -27.31
C GLY B 47 12.30 11.63 -27.06
N ASN B 48 11.94 11.98 -25.83
CA ASN B 48 11.64 13.36 -25.46
C ASN B 48 12.92 14.19 -25.56
N ALA B 49 12.95 15.12 -26.52
CA ALA B 49 14.12 15.97 -26.73
C ALA B 49 14.46 16.82 -25.49
N ASN B 50 13.45 17.16 -24.69
CA ASN B 50 13.63 17.89 -23.43
C ASN B 50 14.53 17.17 -22.40
N LEU B 51 14.80 15.87 -22.58
CA LEU B 51 15.68 15.18 -21.64
C LEU B 51 17.08 15.75 -21.62
N GLU B 52 17.49 16.43 -22.70
CA GLU B 52 18.77 17.12 -22.71
C GLU B 52 18.83 18.21 -21.61
N ARG B 53 17.85 19.09 -21.59
CA ARG B 53 17.78 20.14 -20.58
C ARG B 53 17.54 19.53 -19.17
N VAL B 54 16.69 18.51 -19.09
CA VAL B 54 16.43 17.84 -17.79
C VAL B 54 17.74 17.31 -17.17
N ALA B 55 18.58 16.70 -18.00
CA ALA B 55 19.91 16.24 -17.51
C ALA B 55 20.77 17.42 -17.01
N GLU B 56 20.75 18.54 -17.72
CA GLU B 56 21.46 19.73 -17.26
C GLU B 56 20.93 20.20 -15.89
N GLU B 57 19.62 20.24 -15.73
CA GLU B 57 18.96 20.64 -14.48
CA GLU B 57 19.00 20.68 -14.48
C GLU B 57 19.37 19.74 -13.33
N LEU B 58 19.34 18.44 -13.58
CA LEU B 58 19.65 17.45 -12.54
C LEU B 58 21.11 17.57 -12.14
N ASN B 59 21.98 17.72 -13.13
CA ASN B 59 23.41 17.94 -12.86
C ASN B 59 23.66 19.25 -12.07
N SER B 60 22.92 20.32 -12.42
CA SER B 60 22.98 21.59 -11.72
C SER B 60 22.56 21.42 -10.26
N ILE B 61 21.45 20.72 -10.05
CA ILE B 61 20.98 20.40 -8.70
C ILE B 61 22.02 19.63 -7.91
N ALA B 62 22.61 18.61 -8.53
CA ALA B 62 23.65 17.82 -7.84
C ALA B 62 24.86 18.67 -7.47
N GLY B 63 25.26 19.56 -8.37
CA GLY B 63 26.39 20.47 -8.11
C GLY B 63 26.13 21.33 -6.87
N HIS B 64 24.91 21.89 -6.80
CA HIS B 64 24.50 22.67 -5.63
C HIS B 64 24.62 21.84 -4.34
N LEU B 65 24.03 20.66 -4.35
CA LEU B 65 24.06 19.75 -3.18
C LEU B 65 25.49 19.43 -2.75
N GLU B 66 26.33 19.18 -3.73
CA GLU B 66 27.74 18.89 -3.47
C GLU B 66 28.46 20.06 -2.83
N GLU B 67 28.12 21.27 -3.24
CA GLU B 67 28.82 22.46 -2.77
C GLU B 67 28.33 22.89 -1.40
N HIS B 68 27.23 22.31 -0.93
CA HIS B 68 26.70 22.64 0.40
C HIS B 68 26.83 21.47 1.40
N ALA B 69 28.04 21.31 1.93
CA ALA B 69 28.38 20.26 2.89
C ALA B 69 27.99 20.68 4.31
N PRO B 70 27.60 19.71 5.17
CA PRO B 70 27.23 20.14 6.52
C PRO B 70 28.48 20.45 7.34
N ALA B 71 28.39 21.47 8.19
CA ALA B 71 29.49 21.87 9.06
C ALA B 71 29.84 20.76 10.06
N VAL B 72 28.80 20.13 10.62
CA VAL B 72 28.95 19.00 11.52
C VAL B 72 28.22 17.78 10.95
N ALA B 73 29.01 16.74 10.67
CA ALA B 73 28.47 15.52 10.08
C ALA B 73 27.80 14.70 11.16
N GLU B 74 26.64 14.13 10.83
CA GLU B 74 25.94 13.20 11.70
C GLU B 74 26.69 11.87 11.69
N ARG B 75 26.79 11.23 12.85
CA ARG B 75 27.42 9.92 12.93
C ARG B 75 26.60 8.90 12.15
N LEU B 76 27.29 7.84 11.72
CA LEU B 76 26.63 6.69 11.11
C LEU B 76 26.44 5.66 12.20
N ILE B 77 25.21 5.18 12.35
CA ILE B 77 24.90 4.14 13.31
C ILE B 77 25.35 2.80 12.71
N ASP B 78 26.33 2.16 13.34
CA ASP B 78 26.66 0.77 12.98
C ASP B 78 25.74 -0.16 13.77
N TRP B 80 25.09 -3.24 13.05
CA TRP B 80 25.70 -4.57 13.13
C TRP B 80 26.76 -4.65 14.24
N ASN B 81 27.01 -3.51 14.87
CA ASN B 81 27.93 -3.41 16.01
C ASN B 81 27.21 -3.03 17.30
N GLY B 82 25.87 -3.09 17.29
CA GLY B 82 25.07 -2.86 18.48
C GLY B 82 24.74 -1.41 18.80
N GLU B 83 24.91 -0.54 17.81
CA GLU B 83 24.73 0.91 17.99
C GLU B 83 23.30 1.41 17.78
N GLY B 84 22.40 0.51 17.39
CA GLY B 84 21.00 0.85 17.18
C GLY B 84 20.68 0.75 15.71
N VAL B 85 19.45 1.06 15.35
CA VAL B 85 19.02 0.91 13.95
C VAL B 85 19.62 2.03 13.07
N THR B 86 20.19 1.65 11.93
CA THR B 86 20.80 2.58 10.93
C THR B 86 19.78 3.56 10.37
N ARG B 87 20.27 4.68 9.84
CA ARG B 87 19.41 5.72 9.27
C ARG B 87 19.81 6.14 7.83
N HIS B 88 20.82 5.49 7.26
CA HIS B 88 21.46 5.92 6.02
C HIS B 88 21.41 4.82 4.97
N ASP B 89 20.79 3.71 5.35
CA ASP B 89 20.84 2.48 4.60
C ASP B 89 19.89 2.51 3.39
N PRO B 90 20.15 1.68 2.35
CA PRO B 90 19.25 1.64 1.19
C PRO B 90 17.91 0.93 1.34
N VAL B 91 17.50 0.59 2.56
CA VAL B 91 16.18 -0.03 2.77
C VAL B 91 15.25 0.92 3.49
N THR B 92 15.77 1.59 4.52
CA THR B 92 14.96 2.43 5.41
C THR B 92 15.40 3.91 5.47
N GLY B 93 16.53 4.27 4.85
CA GLY B 93 17.11 5.60 5.01
C GLY B 93 16.25 6.71 4.42
N PRO B 94 15.77 7.64 5.27
CA PRO B 94 14.91 8.72 4.75
C PRO B 94 15.61 9.62 3.76
N GLU B 95 16.93 9.79 3.88
CA GLU B 95 17.67 10.62 2.96
C GLU B 95 18.34 9.79 1.86
N ASN B 96 17.97 8.51 1.78
CA ASN B 96 18.56 7.61 0.81
C ASN B 96 17.52 7.26 -0.25
N ALA B 97 17.63 7.88 -1.42
CA ALA B 97 16.58 7.73 -2.44
C ALA B 97 16.49 6.32 -3.02
N LEU B 98 17.48 5.47 -2.74
CA LEU B 98 17.40 4.04 -3.06
C LEU B 98 16.41 3.29 -2.20
N ALA B 99 16.18 3.80 -0.98
CA ALA B 99 15.28 3.18 -0.02
C ALA B 99 13.83 3.45 -0.39
N PRO B 100 12.94 2.42 -0.31
CA PRO B 100 11.56 2.72 -0.65
C PRO B 100 10.99 4.01 -0.05
N PRO B 101 11.20 4.31 1.28
CA PRO B 101 11.85 3.59 2.35
C PRO B 101 10.90 2.72 3.13
N VAL B 102 11.44 1.68 3.74
CA VAL B 102 10.65 0.79 4.57
C VAL B 102 10.58 1.34 5.99
N VAL B 103 9.38 1.34 6.56
CA VAL B 103 9.14 1.74 7.94
C VAL B 103 8.95 0.45 8.74
N LEU B 104 9.63 0.33 9.88
CA LEU B 104 9.54 -0.90 10.69
C LEU B 104 9.17 -0.61 12.14
N GLU B 105 8.35 -1.49 12.71
CA GLU B 105 8.06 -1.41 14.13
C GLU B 105 8.47 -2.67 14.86
N GLY B 106 8.82 -2.52 16.14
CA GLY B 106 9.09 -3.68 16.97
C GLY B 106 7.84 -4.11 17.72
N LEU B 107 7.62 -5.42 17.79
CA LEU B 107 6.45 -5.95 18.49
C LEU B 107 6.86 -6.68 19.78
N SER B 108 5.89 -6.89 20.67
CA SER B 108 6.13 -7.42 22.03
C SER B 108 6.79 -8.81 22.04
N ASP B 109 6.53 -9.61 21.02
CA ASP B 109 7.03 -10.97 20.97
C ASP B 109 8.47 -11.09 20.45
N GLY B 110 9.08 -9.96 20.13
CA GLY B 110 10.45 -9.94 19.59
C GLY B 110 10.49 -9.75 18.09
N SER B 111 9.36 -9.92 17.41
CA SER B 111 9.36 -9.73 15.96
C SER B 111 9.42 -8.24 15.62
N VAL B 112 9.83 -7.96 14.39
CA VAL B 112 9.86 -6.64 13.79
C VAL B 112 8.97 -6.75 12.54
N ARG B 113 8.21 -5.72 12.23
CA ARG B 113 7.24 -5.78 11.13
C ARG B 113 7.10 -4.43 10.41
N GLY B 114 6.91 -4.49 9.09
CA GLY B 114 6.50 -3.31 8.34
C GLY B 114 5.81 -3.74 7.07
N THR B 115 5.17 -2.79 6.41
CA THR B 115 4.49 -3.03 5.15
C THR B 115 5.00 -2.01 4.15
N VAL B 116 5.30 -2.47 2.94
CA VAL B 116 5.81 -1.61 1.89
C VAL B 116 5.14 -1.96 0.56
N THR B 117 4.78 -0.95 -0.20
CA THR B 117 4.25 -1.14 -1.53
C THR B 117 5.38 -0.74 -2.50
N LEU B 118 5.89 -1.69 -3.28
CA LEU B 118 7.05 -1.42 -4.12
C LEU B 118 6.72 -1.04 -5.55
N THR B 119 7.62 -0.26 -6.13
CA THR B 119 7.44 0.44 -7.40
C THR B 119 8.43 -0.01 -8.47
N ILE B 120 8.29 0.52 -9.68
CA ILE B 120 9.02 -0.08 -10.82
C ILE B 120 10.54 -0.08 -10.77
N PRO B 121 11.18 0.84 -10.02
CA PRO B 121 12.65 0.70 -9.93
C PRO B 121 13.11 -0.62 -9.32
N TYR B 122 12.25 -1.22 -8.50
CA TYR B 122 12.51 -2.49 -7.78
C TYR B 122 12.16 -3.77 -8.59
N GLN B 123 11.79 -3.57 -9.85
CA GLN B 123 11.27 -4.62 -10.74
C GLN B 123 12.34 -5.58 -11.24
N GLY B 124 12.02 -6.88 -11.21
CA GLY B 124 12.83 -7.93 -11.88
C GLY B 124 11.94 -8.55 -12.96
N PRO B 125 11.24 -9.65 -12.63
CA PRO B 125 10.29 -10.16 -13.63
C PRO B 125 9.15 -9.15 -13.83
N PRO B 126 8.63 -9.01 -15.05
CA PRO B 126 7.59 -7.97 -15.25
C PRO B 126 6.50 -8.01 -14.17
N GLY B 127 6.23 -6.85 -13.59
CA GLY B 127 5.19 -6.68 -12.58
C GLY B 127 5.54 -7.18 -11.20
N HIS B 128 6.78 -7.66 -11.02
CA HIS B 128 7.19 -8.29 -9.77
C HIS B 128 8.53 -7.75 -9.27
N VAL B 129 8.73 -7.93 -7.97
CA VAL B 129 9.89 -7.43 -7.28
C VAL B 129 11.05 -8.31 -7.66
N HIS B 130 12.17 -7.69 -8.00
CA HIS B 130 13.41 -8.43 -8.24
C HIS B 130 13.76 -9.34 -7.04
N GLY B 131 14.03 -10.61 -7.30
CA GLY B 131 14.37 -11.54 -6.24
C GLY B 131 15.50 -11.01 -5.35
N GLY B 132 16.43 -10.29 -5.96
CA GLY B 132 17.57 -9.66 -5.23
C GLY B 132 17.12 -8.54 -4.30
N VAL B 133 16.08 -7.81 -4.71
CA VAL B 133 15.56 -6.75 -3.86
C VAL B 133 14.89 -7.41 -2.66
N SER B 134 14.15 -8.49 -2.90
CA SER B 134 13.54 -9.24 -1.78
C SER B 134 14.60 -9.67 -0.79
N ALA B 135 15.73 -10.13 -1.31
CA ALA B 135 16.85 -10.56 -0.47
C ALA B 135 17.41 -9.35 0.31
N LEU B 136 17.53 -8.20 -0.37
CA LEU B 136 18.08 -6.99 0.28
C LEU B 136 17.16 -6.58 1.43
N LEU B 137 15.85 -6.51 1.17
CA LEU B 137 14.92 -6.07 2.21
C LEU B 137 14.97 -7.02 3.40
N LEU B 138 14.93 -8.32 3.12
CA LEU B 138 14.92 -9.34 4.19
C LEU B 138 16.22 -9.32 5.00
N ASP B 139 17.35 -9.20 4.31
CA ASP B 139 18.62 -9.07 5.02
C ASP B 139 18.53 -7.94 6.08
N HIS B 140 18.16 -6.75 5.63
CA HIS B 140 18.01 -5.62 6.52
C HIS B 140 17.04 -5.83 7.68
N VAL B 141 15.84 -6.33 7.37
CA VAL B 141 14.89 -6.67 8.42
C VAL B 141 15.46 -7.58 9.50
N LEU B 142 16.25 -8.59 9.09
CA LEU B 142 16.91 -9.48 10.08
C LEU B 142 17.86 -8.69 10.98
N GLY B 143 18.59 -7.75 10.39
CA GLY B 143 19.45 -6.83 11.19
C GLY B 143 18.67 -6.04 12.22
N VAL B 144 17.51 -5.54 11.81
CA VAL B 144 16.67 -4.77 12.70
C VAL B 144 16.07 -5.68 13.77
N ALA B 145 15.63 -6.87 13.37
CA ALA B 145 15.10 -7.85 14.34
C ALA B 145 16.16 -8.19 15.37
N ASN B 146 17.40 -8.33 14.95
CA ASN B 146 18.45 -8.54 15.92
C ASN B 146 18.63 -7.38 16.88
N ALA B 147 18.61 -6.14 16.38
CA ALA B 147 18.72 -4.96 17.27
C ALA B 147 17.58 -4.98 18.29
N TRP B 148 16.36 -5.21 17.82
CA TRP B 148 15.16 -5.19 18.64
C TRP B 148 15.16 -6.31 19.66
N GLY B 149 15.86 -7.39 19.33
CA GLY B 149 16.05 -8.50 20.26
C GLY B 149 17.25 -8.28 21.18
N GLY B 150 17.87 -7.10 21.11
CA GLY B 150 18.99 -6.76 21.98
C GLY B 150 20.30 -7.45 21.65
N LYS B 151 20.43 -7.89 20.40
CA LYS B 151 21.65 -8.54 19.95
C LYS B 151 22.26 -7.85 18.74
N ALA B 152 23.51 -8.18 18.46
CA ALA B 152 24.26 -7.54 17.40
C ALA B 152 25.09 -8.63 16.80
N GLY B 153 25.12 -8.70 15.47
CA GLY B 153 26.05 -9.63 14.82
C GLY B 153 26.30 -9.25 13.38
N THR B 155 26.76 -10.18 9.51
CA THR B 155 26.10 -11.20 8.70
C THR B 155 27.14 -12.25 8.29
N ALA B 156 26.79 -13.52 8.46
CA ALA B 156 27.67 -14.63 8.05
C ALA B 156 27.12 -15.41 6.84
N GLN B 157 25.81 -15.70 6.87
CA GLN B 157 25.14 -16.46 5.81
CA GLN B 157 25.15 -16.48 5.82
C GLN B 157 23.68 -16.08 5.73
N LEU B 158 23.17 -15.97 4.51
CA LEU B 158 21.76 -15.68 4.31
C LEU B 158 21.27 -16.77 3.37
N SER B 159 20.19 -17.45 3.73
CA SER B 159 19.56 -18.42 2.85
C SER B 159 18.16 -17.98 2.53
N THR B 160 17.93 -17.57 1.28
CA THR B 160 16.62 -17.04 0.88
C THR B 160 15.91 -18.01 -0.03
N ARG B 161 14.65 -18.30 0.29
CA ARG B 161 13.84 -19.24 -0.46
C ARG B 161 12.65 -18.50 -1.07
N TYR B 162 12.34 -18.82 -2.32
CA TYR B 162 11.33 -18.12 -3.08
C TYR B 162 10.18 -19.05 -3.37
N HIS B 163 9.01 -18.70 -2.86
CA HIS B 163 7.87 -19.60 -2.83
C HIS B 163 6.81 -19.24 -3.86
N ARG B 164 6.51 -17.95 -3.96
CA ARG B 164 5.45 -17.42 -4.82
C ARG B 164 5.95 -16.09 -5.37
N PRO B 165 5.54 -15.75 -6.62
CA PRO B 165 5.82 -14.40 -7.16
C PRO B 165 5.53 -13.27 -6.16
N THR B 166 6.40 -12.27 -6.15
CA THR B 166 6.26 -11.15 -5.22
C THR B 166 5.87 -9.92 -6.03
N PRO B 167 4.62 -9.49 -5.92
CA PRO B 167 4.21 -8.42 -6.84
C PRO B 167 4.61 -7.02 -6.46
N LEU B 168 4.80 -6.19 -7.47
CA LEU B 168 4.90 -4.76 -7.31
C LEU B 168 3.49 -4.20 -7.10
N PHE B 169 3.41 -2.95 -6.63
CA PHE B 169 2.16 -2.18 -6.56
C PHE B 169 1.12 -2.66 -5.56
N GLU B 170 1.51 -3.52 -4.64
CA GLU B 170 0.59 -3.93 -3.59
C GLU B 170 1.33 -4.11 -2.28
N PRO B 171 0.61 -4.05 -1.15
CA PRO B 171 1.23 -4.07 0.16
C PRO B 171 1.90 -5.42 0.46
N LEU B 172 3.20 -5.39 0.74
CA LEU B 172 3.94 -6.58 1.18
C LEU B 172 4.35 -6.47 2.65
N THR B 173 4.06 -7.49 3.46
CA THR B 173 4.40 -7.46 4.87
C THR B 173 5.76 -8.10 5.04
N LEU B 174 6.68 -7.33 5.60
CA LEU B 174 8.00 -7.82 5.95
C LEU B 174 8.04 -8.09 7.45
N THR B 175 8.58 -9.24 7.83
CA THR B 175 8.69 -9.61 9.24
C THR B 175 10.03 -10.30 9.49
N GLY B 176 10.62 -10.10 10.66
CA GLY B 176 11.87 -10.75 11.06
C GLY B 176 11.82 -11.02 12.56
N LYS B 177 12.52 -12.06 13.00
CA LYS B 177 12.62 -12.37 14.43
C LYS B 177 13.89 -13.16 14.71
N LEU B 178 14.59 -12.74 15.77
CA LEU B 178 15.74 -13.45 16.22
C LEU B 178 15.19 -14.76 16.77
N SER B 180 17.35 -17.79 17.73
CA SER B 180 18.20 -18.42 18.73
C SER B 180 19.56 -17.74 18.85
N VAL B 181 20.20 -17.91 20.01
CA VAL B 181 21.56 -17.49 20.23
C VAL B 181 22.35 -18.67 20.83
N ASP B 182 23.52 -18.94 20.27
CA ASP B 182 24.45 -19.92 20.85
C ASP B 182 25.83 -19.25 20.88
N GLY B 183 26.14 -18.59 21.99
CA GLY B 183 27.40 -17.85 22.11
C GLY B 183 27.41 -16.60 21.25
N ARG B 184 28.38 -16.49 20.34
CA ARG B 184 28.47 -15.35 19.42
C ARG B 184 27.48 -15.52 18.26
N LYS B 185 26.94 -16.73 18.13
CA LYS B 185 26.15 -17.13 16.98
C LYS B 185 24.65 -16.82 17.13
N ILE B 186 24.14 -16.02 16.19
CA ILE B 186 22.74 -15.64 16.20
C ILE B 186 22.06 -16.21 14.97
N THR B 187 20.88 -16.79 15.17
CA THR B 187 20.02 -17.22 14.07
C THR B 187 18.76 -16.37 14.04
N THR B 188 18.46 -15.85 12.84
CA THR B 188 17.34 -14.96 12.63
C THR B 188 16.55 -15.40 11.41
N ALA B 189 15.22 -15.27 11.47
CA ALA B 189 14.35 -15.67 10.36
C ALA B 189 13.34 -14.58 10.01
N GLY B 190 12.85 -14.59 8.76
CA GLY B 190 11.90 -13.58 8.33
C GLY B 190 11.23 -14.04 7.06
N ASP B 191 10.23 -13.29 6.63
CA ASP B 191 9.59 -13.58 5.35
C ASP B 191 8.90 -12.36 4.84
N ILE B 192 8.44 -12.42 3.59
CA ILE B 192 7.69 -11.36 2.94
C ILE B 192 6.40 -12.05 2.57
N ARG B 193 5.27 -11.47 2.97
CA ARG B 193 3.96 -12.02 2.63
C ARG B 193 3.09 -11.02 1.87
N THR B 194 2.16 -11.52 1.07
CA THR B 194 1.14 -10.62 0.55
C THR B 194 0.07 -10.38 1.61
N ALA B 195 -0.86 -9.48 1.30
CA ALA B 195 -1.91 -9.09 2.23
C ALA B 195 -2.78 -10.26 2.70
N ASP B 196 -2.95 -11.28 1.85
CA ASP B 196 -3.69 -12.50 2.24
C ASP B 196 -2.87 -13.42 3.18
N GLY B 197 -1.62 -13.08 3.41
CA GLY B 197 -0.85 -13.82 4.39
C GLY B 197 0.07 -14.83 3.75
N GLN B 198 -0.11 -15.11 2.45
CA GLN B 198 0.71 -16.15 1.84
C GLN B 198 2.17 -15.71 1.75
N VAL B 199 3.09 -16.63 2.02
CA VAL B 199 4.52 -16.30 1.97
C VAL B 199 5.04 -16.28 0.53
N CYS B 200 5.75 -15.20 0.18
CA CYS B 200 6.37 -15.04 -1.13
C CYS B 200 7.84 -15.43 -1.05
N VAL B 201 8.54 -14.86 -0.08
CA VAL B 201 9.96 -15.12 0.14
C VAL B 201 10.19 -15.34 1.62
N SER B 202 11.12 -16.23 1.96
CA SER B 202 11.47 -16.42 3.34
C SER B 202 12.99 -16.45 3.42
N VAL B 203 13.50 -16.21 4.61
CA VAL B 203 14.95 -16.21 4.82
C VAL B 203 15.31 -16.75 6.19
N GLU B 204 16.46 -17.40 6.23
CA GLU B 204 17.17 -17.75 7.46
CA GLU B 204 17.16 -17.65 7.49
C GLU B 204 18.57 -17.12 7.38
N GLY B 205 18.93 -16.29 8.37
CA GLY B 205 20.29 -15.71 8.44
C GLY B 205 21.04 -16.13 9.68
N LEU B 206 22.35 -16.24 9.53
CA LEU B 206 23.25 -16.56 10.62
C LEU B 206 24.14 -15.36 10.84
N PHE B 207 24.31 -15.00 12.10
CA PHE B 207 25.06 -13.80 12.47
C PHE B 207 26.08 -14.14 13.54
N VAL B 208 27.06 -13.27 13.71
CA VAL B 208 28.11 -13.49 14.71
C VAL B 208 28.34 -12.23 15.53
N ASP B 209 27.96 -12.30 16.82
CA ASP B 209 28.39 -11.40 17.92
C ASP B 209 27.30 -11.08 18.95
N HIS C 6 -12.83 -19.40 18.76
CA HIS C 6 -12.52 -18.27 17.84
C HIS C 6 -11.05 -17.85 18.03
N PRO C 7 -10.40 -17.42 16.94
CA PRO C 7 -9.00 -16.98 17.09
C PRO C 7 -8.86 -15.67 17.86
N THR C 8 -7.92 -15.67 18.81
CA THR C 8 -7.59 -14.51 19.63
C THR C 8 -6.08 -14.49 19.79
N PHE C 9 -5.54 -13.37 20.24
CA PHE C 9 -4.09 -13.25 20.45
C PHE C 9 -3.55 -14.22 21.50
N GLU C 10 -4.45 -14.88 22.22
CA GLU C 10 -4.08 -15.79 23.29
C GLU C 10 -3.93 -17.23 22.79
N ASN C 11 -4.73 -17.60 21.81
CA ASN C 11 -4.73 -18.96 21.29
C ASN C 11 -4.26 -19.09 19.83
N SER C 12 -3.88 -17.98 19.21
CA SER C 12 -3.48 -18.00 17.81
C SER C 12 -2.19 -17.22 17.62
N PRO C 13 -1.39 -17.57 16.61
CA PRO C 13 -0.13 -16.88 16.34
C PRO C 13 -0.29 -15.47 15.73
N SER C 14 0.75 -14.67 15.91
CA SER C 14 0.82 -13.36 15.29
C SER C 14 0.79 -13.51 13.76
N GLY C 15 0.07 -12.63 13.08
CA GLY C 15 -0.10 -12.74 11.64
C GLY C 15 -1.29 -13.58 11.18
N THR C 16 -2.09 -14.06 12.12
CA THR C 16 -3.31 -14.80 11.78
C THR C 16 -4.27 -13.89 11.00
N VAL C 17 -4.67 -14.31 9.81
CA VAL C 17 -5.66 -13.55 9.04
C VAL C 17 -7.05 -13.76 9.62
N LEU C 18 -7.71 -12.66 9.98
CA LEU C 18 -8.98 -12.72 10.72
C LEU C 18 -10.21 -12.62 9.82
N THR C 19 -10.07 -11.91 8.71
CA THR C 19 -11.15 -11.70 7.76
C THR C 19 -11.32 -12.90 6.84
N SER C 20 -12.41 -12.87 6.06
CA SER C 20 -12.90 -14.04 5.34
C SER C 20 -11.86 -14.60 4.39
N PRO C 21 -11.63 -15.93 4.45
CA PRO C 21 -10.49 -16.50 3.75
C PRO C 21 -10.75 -16.56 2.24
N PRO C 22 -9.77 -16.10 1.44
CA PRO C 22 -9.83 -16.12 -0.02
C PRO C 22 -10.14 -17.49 -0.58
N ASP C 23 -10.76 -17.43 -1.74
CA ASP C 23 -11.57 -18.50 -2.23
C ASP C 23 -11.24 -18.71 -3.70
N GLY C 24 -10.92 -17.60 -4.36
CA GLY C 24 -10.86 -17.56 -5.83
C GLY C 24 -12.23 -17.87 -6.42
N SER C 25 -13.23 -17.98 -5.54
CA SER C 25 -14.59 -18.33 -5.94
C SER C 25 -15.16 -17.40 -7.00
N ALA C 26 -16.05 -17.95 -7.81
CA ALA C 26 -16.76 -17.18 -8.81
C ALA C 26 -17.50 -15.98 -8.21
N VAL C 27 -18.09 -16.15 -7.03
CA VAL C 27 -18.84 -15.03 -6.45
C VAL C 27 -17.92 -13.87 -6.09
N ASP C 28 -16.72 -14.17 -5.61
CA ASP C 28 -15.78 -13.12 -5.25
C ASP C 28 -15.22 -12.43 -6.49
N ARG C 29 -15.01 -13.20 -7.57
CA ARG C 29 -14.59 -12.63 -8.85
CA ARG C 29 -14.60 -12.65 -8.86
C ARG C 29 -15.69 -11.72 -9.42
N ALA C 30 -16.94 -12.15 -9.34
CA ALA C 30 -18.07 -11.33 -9.78
C ALA C 30 -18.17 -10.04 -8.93
N THR C 31 -17.94 -10.16 -7.62
CA THR C 31 -17.96 -8.95 -6.78
C THR C 31 -16.82 -7.96 -7.10
N ASP C 32 -15.63 -8.48 -7.30
CA ASP C 32 -14.55 -7.59 -7.71
CA ASP C 32 -14.48 -7.70 -7.80
C ASP C 32 -14.84 -6.92 -9.06
N ALA C 33 -15.52 -7.61 -9.99
CA ALA C 33 -15.91 -6.97 -11.23
C ALA C 33 -16.96 -5.89 -10.97
N ALA C 34 -17.86 -6.15 -10.01
CA ALA C 34 -18.86 -5.15 -9.62
C ALA C 34 -18.20 -3.92 -9.02
N ARG C 35 -17.18 -4.12 -8.19
CA ARG C 35 -16.41 -2.99 -7.64
C ARG C 35 -15.75 -2.16 -8.76
N ARG C 36 -15.27 -2.84 -9.77
CA ARG C 36 -14.65 -2.15 -10.92
C ARG C 36 -15.71 -1.29 -11.67
N VAL C 37 -16.91 -1.85 -11.81
CA VAL C 37 -18.00 -1.12 -12.44
C VAL C 37 -18.31 0.16 -11.61
N VAL C 38 -18.42 -0.01 -10.29
CA VAL C 38 -18.73 1.10 -9.39
C VAL C 38 -17.74 2.24 -9.55
N ASP C 39 -16.46 1.89 -9.57
CA ASP C 39 -15.40 2.89 -9.79
C ASP C 39 -15.55 3.53 -11.18
N ALA C 40 -15.72 2.71 -12.22
CA ALA C 40 -15.81 3.23 -13.59
C ALA C 40 -16.95 4.23 -13.77
N LEU C 41 -18.08 3.98 -13.10
CA LEU C 41 -19.28 4.80 -13.30
C LEU C 41 -19.07 6.24 -12.87
N LEU C 42 -18.24 6.41 -11.85
CA LEU C 42 -17.87 7.73 -11.34
C LEU C 42 -16.92 8.51 -12.25
N ARG C 43 -16.25 7.81 -13.15
CA ARG C 43 -15.26 8.40 -14.02
C ARG C 43 -15.77 8.48 -15.46
N THR C 44 -16.88 7.82 -15.75
CA THR C 44 -17.29 7.65 -17.14
C THR C 44 -18.01 8.88 -17.73
N ASP C 45 -18.10 8.91 -19.06
CA ASP C 45 -18.83 9.95 -19.77
C ASP C 45 -20.34 9.81 -19.58
N ARG C 46 -20.94 10.78 -18.90
CA ARG C 46 -22.40 10.83 -18.69
C ARG C 46 -23.20 10.89 -19.98
N GLY C 47 -22.56 11.43 -21.02
CA GLY C 47 -23.20 11.63 -22.33
C GLY C 47 -23.05 10.46 -23.31
N ASN C 48 -22.27 9.45 -22.93
CA ASN C 48 -22.13 8.22 -23.71
C ASN C 48 -23.51 7.58 -23.94
N ALA C 49 -23.95 7.52 -25.19
CA ALA C 49 -25.30 7.01 -25.50
C ALA C 49 -25.45 5.52 -25.20
N ASN C 50 -24.33 4.82 -25.16
CA ASN C 50 -24.32 3.38 -24.85
C ASN C 50 -24.76 3.09 -23.40
N LEU C 51 -24.82 4.12 -22.57
CA LEU C 51 -25.26 3.95 -21.18
C LEU C 51 -26.67 3.43 -21.09
N GLU C 52 -27.45 3.69 -22.14
CA GLU C 52 -28.78 3.10 -22.23
C GLU C 52 -28.68 1.58 -22.20
N ARG C 53 -27.84 1.03 -23.07
CA ARG C 53 -27.66 -0.42 -23.14
C ARG C 53 -26.99 -0.99 -21.89
N VAL C 54 -25.98 -0.28 -21.38
CA VAL C 54 -25.28 -0.72 -20.18
C VAL C 54 -26.21 -0.86 -18.99
N ALA C 55 -27.13 0.09 -18.83
CA ALA C 55 -28.15 -0.02 -17.78
C ALA C 55 -28.95 -1.28 -17.97
N GLU C 56 -29.36 -1.58 -19.22
CA GLU C 56 -30.13 -2.77 -19.47
C GLU C 56 -29.32 -3.99 -19.07
N GLU C 57 -28.05 -4.00 -19.45
CA GLU C 57 -27.16 -5.12 -19.14
CA GLU C 57 -27.18 -5.14 -19.14
C GLU C 57 -27.07 -5.35 -17.63
N LEU C 58 -26.88 -4.27 -16.89
CA LEU C 58 -26.71 -4.37 -15.46
C LEU C 58 -27.99 -4.87 -14.81
N ASN C 59 -29.15 -4.42 -15.31
CA ASN C 59 -30.42 -4.89 -14.75
C ASN C 59 -30.65 -6.36 -15.03
N SER C 60 -30.25 -6.79 -16.23
CA SER C 60 -30.37 -8.20 -16.65
C SER C 60 -29.48 -9.06 -15.76
N ILE C 61 -28.26 -8.59 -15.51
CA ILE C 61 -27.36 -9.27 -14.60
C ILE C 61 -27.97 -9.35 -13.18
N ALA C 62 -28.57 -8.25 -12.73
CA ALA C 62 -29.19 -8.21 -11.38
C ALA C 62 -30.36 -9.18 -11.28
N GLY C 63 -31.22 -9.19 -12.31
CA GLY C 63 -32.30 -10.18 -12.44
C GLY C 63 -31.82 -11.62 -12.35
N HIS C 64 -30.74 -11.96 -13.05
CA HIS C 64 -30.15 -13.29 -12.99
C HIS C 64 -29.73 -13.62 -11.57
N LEU C 65 -29.02 -12.69 -10.93
CA LEU C 65 -28.54 -12.93 -9.59
C LEU C 65 -29.66 -13.08 -8.57
N GLU C 66 -30.72 -12.30 -8.75
CA GLU C 66 -31.91 -12.32 -7.88
C GLU C 66 -32.66 -13.64 -8.05
N GLU C 67 -32.75 -14.10 -9.30
CA GLU C 67 -33.41 -15.36 -9.60
CA GLU C 67 -33.40 -15.37 -9.59
C GLU C 67 -32.63 -16.55 -9.05
N HIS C 68 -31.31 -16.45 -9.04
CA HIS C 68 -30.53 -17.54 -8.55
C HIS C 68 -30.17 -17.37 -7.07
N ALA C 69 -31.20 -17.28 -6.23
CA ALA C 69 -31.02 -17.22 -4.79
C ALA C 69 -30.93 -18.64 -4.22
N PRO C 70 -30.08 -18.86 -3.19
CA PRO C 70 -30.05 -20.19 -2.58
C PRO C 70 -31.33 -20.39 -1.77
N ALA C 71 -31.73 -21.63 -1.54
CA ALA C 71 -32.95 -21.89 -0.75
C ALA C 71 -32.72 -21.56 0.72
N VAL C 72 -31.46 -21.67 1.15
CA VAL C 72 -31.02 -21.34 2.50
C VAL C 72 -29.94 -20.27 2.42
N ALA C 73 -30.19 -19.12 3.04
CA ALA C 73 -29.23 -18.00 3.05
C ALA C 73 -27.87 -18.38 3.62
N GLU C 74 -26.80 -17.72 3.15
CA GLU C 74 -25.50 -17.84 3.78
C GLU C 74 -25.61 -17.35 5.22
N ARG C 75 -25.07 -18.12 6.16
CA ARG C 75 -25.10 -17.71 7.56
C ARG C 75 -24.37 -16.38 7.81
N LEU C 76 -24.95 -15.55 8.67
CA LEU C 76 -24.35 -14.27 9.10
C LEU C 76 -23.70 -14.40 10.48
N ILE C 77 -22.46 -13.93 10.57
CA ILE C 77 -21.71 -14.01 11.81
C ILE C 77 -21.87 -12.70 12.56
N ASP C 78 -22.46 -12.76 13.77
CA ASP C 78 -22.62 -11.55 14.55
C ASP C 78 -21.41 -11.34 15.48
N TRP C 80 -20.43 -8.72 16.97
CA TRP C 80 -20.69 -7.88 18.16
C TRP C 80 -21.37 -8.65 19.29
N ASN C 81 -21.83 -9.85 18.97
CA ASN C 81 -22.41 -10.78 19.95
C ASN C 81 -21.48 -11.99 20.18
N GLY C 82 -20.20 -11.83 19.84
CA GLY C 82 -19.18 -12.83 20.15
C GLY C 82 -19.24 -14.06 19.29
N GLU C 83 -19.84 -13.96 18.10
CA GLU C 83 -19.92 -15.12 17.22
C GLU C 83 -18.69 -15.28 16.31
N GLY C 84 -17.74 -14.36 16.41
CA GLY C 84 -16.58 -14.42 15.53
C GLY C 84 -16.53 -13.24 14.58
N VAL C 85 -15.47 -13.16 13.78
CA VAL C 85 -15.30 -12.04 12.85
C VAL C 85 -16.31 -12.11 11.69
N THR C 86 -16.96 -10.99 11.38
CA THR C 86 -17.99 -10.93 10.31
C THR C 86 -17.41 -11.14 8.94
N ARG C 87 -18.23 -11.65 8.02
CA ARG C 87 -17.81 -11.83 6.64
C ARG C 87 -18.73 -11.14 5.63
N HIS C 88 -19.75 -10.41 6.09
CA HIS C 88 -20.77 -9.82 5.23
C HIS C 88 -20.77 -8.27 5.22
N ASP C 89 -19.84 -7.68 5.95
CA ASP C 89 -19.90 -6.26 6.27
C ASP C 89 -19.30 -5.41 5.14
N PRO C 90 -19.66 -4.12 5.10
CA PRO C 90 -19.14 -3.18 4.10
C PRO C 90 -17.70 -2.69 4.27
N VAL C 91 -16.90 -3.34 5.10
CA VAL C 91 -15.48 -2.99 5.21
C VAL C 91 -14.61 -4.16 4.74
N THR C 92 -14.97 -5.38 5.15
CA THR C 92 -14.19 -6.59 4.83
C THR C 92 -14.94 -7.67 4.03
N GLY C 93 -16.26 -7.53 3.85
CA GLY C 93 -17.05 -8.61 3.23
C GLY C 93 -16.61 -8.86 1.78
N PRO C 94 -16.02 -10.05 1.48
CA PRO C 94 -15.59 -10.33 0.09
C PRO C 94 -16.71 -10.33 -0.99
N GLU C 95 -17.94 -10.63 -0.60
CA GLU C 95 -19.09 -10.57 -1.51
C GLU C 95 -19.83 -9.24 -1.40
N ASN C 96 -19.30 -8.32 -0.58
CA ASN C 96 -19.92 -7.01 -0.41
C ASN C 96 -19.21 -5.93 -1.26
N ALA C 97 -19.83 -5.49 -2.36
CA ALA C 97 -19.14 -4.57 -3.29
C ALA C 97 -18.87 -3.20 -2.67
N LEU C 98 -19.47 -2.92 -1.51
CA LEU C 98 -19.18 -1.67 -0.77
C LEU C 98 -17.84 -1.72 -0.07
N ALA C 99 -17.43 -2.94 0.29
CA ALA C 99 -16.18 -3.15 1.00
C ALA C 99 -15.02 -2.96 0.03
N PRO C 100 -13.96 -2.27 0.46
CA PRO C 100 -12.80 -2.16 -0.44
C PRO C 100 -12.32 -3.46 -1.15
N PRO C 101 -12.18 -4.60 -0.46
CA PRO C 101 -12.34 -4.93 0.95
C PRO C 101 -11.02 -4.84 1.67
N VAL C 102 -11.10 -4.72 2.98
CA VAL C 102 -9.93 -4.67 3.81
C VAL C 102 -9.68 -6.07 4.35
N VAL C 103 -8.41 -6.50 4.28
CA VAL C 103 -7.98 -7.70 4.96
C VAL C 103 -7.41 -7.28 6.32
N LEU C 104 -7.76 -8.01 7.39
CA LEU C 104 -7.24 -7.70 8.72
C LEU C 104 -6.54 -8.90 9.31
N GLU C 105 -5.41 -8.67 9.98
CA GLU C 105 -4.71 -9.75 10.64
C GLU C 105 -4.47 -9.41 12.12
N GLY C 106 -4.40 -10.43 12.94
CA GLY C 106 -4.18 -10.21 14.36
C GLY C 106 -2.69 -10.35 14.66
N LEU C 107 -2.20 -9.48 15.54
CA LEU C 107 -0.80 -9.43 15.98
C LEU C 107 -0.67 -9.81 17.44
N SER C 108 0.58 -10.16 17.80
CA SER C 108 0.96 -10.73 19.10
C SER C 108 0.49 -9.90 20.28
N ASP C 109 0.66 -8.59 20.14
CA ASP C 109 0.39 -7.65 21.21
C ASP C 109 -1.10 -7.42 21.42
N GLY C 110 -1.95 -8.06 20.62
CA GLY C 110 -3.40 -7.82 20.68
C GLY C 110 -3.92 -6.87 19.62
N SER C 111 -3.01 -6.29 18.84
CA SER C 111 -3.44 -5.32 17.85
C SER C 111 -3.93 -6.04 16.59
N VAL C 112 -4.77 -5.35 15.82
CA VAL C 112 -5.24 -5.84 14.53
C VAL C 112 -4.78 -4.82 13.49
N ARG C 113 -4.44 -5.27 12.29
CA ARG C 113 -3.76 -4.39 11.35
C ARG C 113 -4.19 -4.75 9.93
N GLY C 114 -4.29 -3.75 9.07
CA GLY C 114 -4.57 -3.98 7.68
C GLY C 114 -4.07 -2.79 6.87
N THR C 115 -4.00 -2.97 5.57
CA THR C 115 -3.58 -1.92 4.66
C THR C 115 -4.58 -1.82 3.52
N VAL C 116 -4.98 -0.60 3.18
CA VAL C 116 -6.01 -0.41 2.16
C VAL C 116 -5.67 0.82 1.33
N THR C 117 -5.94 0.75 0.03
CA THR C 117 -5.83 1.88 -0.89
C THR C 117 -7.23 2.22 -1.35
N LEU C 118 -7.70 3.39 -0.93
CA LEU C 118 -9.07 3.77 -1.23
C LEU C 118 -9.19 4.48 -2.58
N THR C 119 -10.32 4.27 -3.23
CA THR C 119 -10.55 4.69 -4.57
C THR C 119 -11.64 5.75 -4.59
N ILE C 120 -11.92 6.29 -5.77
CA ILE C 120 -12.81 7.42 -5.91
C ILE C 120 -14.26 7.24 -5.37
N PRO C 121 -14.82 6.00 -5.32
CA PRO C 121 -16.15 5.91 -4.66
C PRO C 121 -16.15 6.34 -3.16
N TYR C 122 -14.99 6.34 -2.53
CA TYR C 122 -14.88 6.65 -1.08
C TYR C 122 -14.52 8.13 -0.82
N GLN C 123 -14.49 8.93 -1.89
CA GLN C 123 -14.04 10.33 -1.86
C GLN C 123 -15.01 11.28 -1.14
N GLY C 124 -14.42 12.17 -0.33
CA GLY C 124 -15.16 13.31 0.21
C GLY C 124 -14.51 14.56 -0.35
N PRO C 125 -13.60 15.19 0.42
CA PRO C 125 -12.82 16.31 -0.14
C PRO C 125 -12.06 15.78 -1.35
N PRO C 126 -12.07 16.55 -2.47
CA PRO C 126 -11.39 16.12 -3.68
C PRO C 126 -10.04 15.50 -3.39
N GLY C 127 -9.80 14.31 -3.94
CA GLY C 127 -8.50 13.64 -3.75
C GLY C 127 -8.39 12.94 -2.40
N HIS C 128 -9.41 13.08 -1.54
CA HIS C 128 -9.30 12.55 -0.19
C HIS C 128 -10.45 11.66 0.26
N VAL C 129 -10.18 10.86 1.28
CA VAL C 129 -11.15 9.92 1.84
C VAL C 129 -12.18 10.71 2.64
N HIS C 130 -13.44 10.46 2.38
CA HIS C 130 -14.51 11.05 3.16
C HIS C 130 -14.29 10.71 4.63
N GLY C 131 -14.40 11.71 5.50
CA GLY C 131 -14.21 11.49 6.93
C GLY C 131 -15.16 10.48 7.54
N GLY C 132 -16.36 10.40 6.97
CA GLY C 132 -17.30 9.36 7.35
C GLY C 132 -16.79 7.98 6.93
N VAL C 133 -16.03 7.89 5.83
CA VAL C 133 -15.53 6.58 5.43
C VAL C 133 -14.42 6.16 6.36
N SER C 134 -13.60 7.12 6.78
CA SER C 134 -12.58 6.85 7.80
C SER C 134 -13.22 6.33 9.10
N ALA C 135 -14.29 6.98 9.53
CA ALA C 135 -15.05 6.53 10.72
C ALA C 135 -15.61 5.10 10.59
N LEU C 136 -16.14 4.76 9.42
CA LEU C 136 -16.66 3.42 9.12
C LEU C 136 -15.51 2.41 9.20
N LEU C 137 -14.43 2.66 8.45
CA LEU C 137 -13.29 1.70 8.53
C LEU C 137 -12.83 1.49 9.98
N LEU C 138 -12.63 2.57 10.68
CA LEU C 138 -12.15 2.50 12.06
C LEU C 138 -13.12 1.82 13.02
N ASP C 139 -14.41 2.12 12.90
CA ASP C 139 -15.40 1.42 13.73
C ASP C 139 -15.27 -0.09 13.54
N HIS C 140 -15.18 -0.54 12.30
CA HIS C 140 -15.08 -1.96 12.08
C HIS C 140 -13.79 -2.56 12.59
N VAL C 141 -12.68 -1.87 12.36
CA VAL C 141 -11.40 -2.38 12.84
C VAL C 141 -11.41 -2.53 14.37
N LEU C 142 -12.13 -1.63 15.04
CA LEU C 142 -12.22 -1.70 16.50
C LEU C 142 -13.02 -2.91 16.92
N GLY C 143 -14.13 -3.20 16.21
CA GLY C 143 -14.83 -4.44 16.49
C GLY C 143 -13.94 -5.66 16.29
N VAL C 144 -13.14 -5.64 15.24
CA VAL C 144 -12.31 -6.79 14.94
C VAL C 144 -11.26 -6.92 16.04
N ALA C 145 -10.71 -5.80 16.51
CA ALA C 145 -9.68 -5.83 17.59
C ALA C 145 -10.31 -6.39 18.88
N ASN C 146 -11.59 -6.09 19.10
CA ASN C 146 -12.26 -6.63 20.29
C ASN C 146 -12.37 -8.16 20.18
N ALA C 147 -12.83 -8.65 19.04
CA ALA C 147 -12.92 -10.07 18.76
C ALA C 147 -11.53 -10.73 18.93
N TRP C 148 -10.49 -10.13 18.34
CA TRP C 148 -9.09 -10.63 18.53
C TRP C 148 -8.64 -10.59 20.00
N GLY C 149 -9.18 -9.65 20.77
CA GLY C 149 -8.95 -9.55 22.21
C GLY C 149 -9.81 -10.50 23.04
N GLY C 150 -10.61 -11.32 22.38
CA GLY C 150 -11.51 -12.26 23.07
C GLY C 150 -12.72 -11.57 23.69
N LYS C 151 -13.04 -10.38 23.21
CA LYS C 151 -14.23 -9.67 23.69
C LYS C 151 -15.20 -9.34 22.58
N ALA C 152 -16.44 -9.13 22.96
CA ALA C 152 -17.41 -8.68 21.99
C ALA C 152 -18.31 -7.71 22.68
N GLY C 153 -18.68 -6.68 21.94
CA GLY C 153 -19.64 -5.72 22.39
C GLY C 153 -20.21 -4.91 21.25
N THR C 155 -21.26 -1.32 19.64
CA THR C 155 -20.68 0.03 19.71
C THR C 155 -21.59 0.89 20.59
N ALA C 156 -21.00 1.61 21.53
CA ALA C 156 -21.71 2.57 22.39
C ALA C 156 -21.35 4.00 22.04
N GLN C 157 -20.05 4.27 21.89
CA GLN C 157 -19.58 5.57 21.45
C GLN C 157 -18.35 5.44 20.58
N LEU C 158 -18.22 6.35 19.62
CA LEU C 158 -17.07 6.40 18.75
C LEU C 158 -16.63 7.86 18.72
N SER C 159 -15.41 8.13 19.17
CA SER C 159 -14.88 9.49 19.17
C SER C 159 -13.73 9.58 18.17
N THR C 160 -14.02 10.11 16.98
CA THR C 160 -13.07 10.17 15.86
C THR C 160 -12.46 11.56 15.77
N ARG C 161 -11.14 11.61 15.65
CA ARG C 161 -10.41 12.86 15.51
C ARG C 161 -9.58 12.89 14.23
N TYR C 162 -9.60 14.03 13.55
CA TYR C 162 -9.00 14.17 12.22
C TYR C 162 -7.77 15.05 12.30
N HIS C 163 -6.61 14.45 12.12
CA HIS C 163 -5.32 15.10 12.30
C HIS C 163 -4.74 15.63 11.01
N ARG C 164 -4.78 14.79 9.97
CA ARG C 164 -4.13 15.10 8.71
C ARG C 164 -5.08 14.69 7.59
N PRO C 165 -4.97 15.32 6.40
CA PRO C 165 -5.84 14.88 5.31
C PRO C 165 -5.54 13.41 5.01
N THR C 166 -6.58 12.66 4.68
CA THR C 166 -6.43 11.22 4.41
C THR C 166 -6.59 11.01 2.90
N PRO C 167 -5.47 10.75 2.19
CA PRO C 167 -5.50 10.73 0.74
C PRO C 167 -6.06 9.43 0.14
N LEU C 168 -6.72 9.56 -1.00
CA LEU C 168 -7.11 8.43 -1.85
C LEU C 168 -5.86 7.97 -2.59
N PHE C 169 -5.94 6.77 -3.16
CA PHE C 169 -4.96 6.29 -4.16
C PHE C 169 -3.60 5.97 -3.58
N GLU C 170 -3.49 5.85 -2.27
CA GLU C 170 -2.24 5.40 -1.68
C GLU C 170 -2.48 4.52 -0.46
N PRO C 171 -1.53 3.61 -0.14
CA PRO C 171 -1.75 2.68 0.97
C PRO C 171 -1.93 3.35 2.31
N LEU C 172 -3.00 2.97 3.01
CA LEU C 172 -3.26 3.47 4.34
C LEU C 172 -3.25 2.32 5.33
N THR C 173 -2.64 2.55 6.48
CA THR C 173 -2.53 1.56 7.51
C THR C 173 -3.65 1.71 8.50
N LEU C 174 -4.35 0.62 8.74
CA LEU C 174 -5.44 0.59 9.70
CA LEU C 174 -5.42 0.60 9.72
C LEU C 174 -4.96 -0.22 10.90
N THR C 175 -5.13 0.34 12.12
CA THR C 175 -4.75 -0.38 13.33
C THR C 175 -5.84 -0.21 14.39
N GLY C 176 -6.04 -1.23 15.20
CA GLY C 176 -6.97 -1.13 16.33
C GLY C 176 -6.47 -2.02 17.44
N LYS C 177 -6.81 -1.69 18.67
CA LYS C 177 -6.42 -2.53 19.77
C LYS C 177 -7.34 -2.34 20.96
N LEU C 178 -7.72 -3.43 21.61
CA LEU C 178 -8.53 -3.33 22.85
C LEU C 178 -7.60 -2.81 23.94
N SER C 180 -8.80 -1.47 27.33
CA SER C 180 -9.23 -1.86 28.68
C SER C 180 -10.62 -2.46 28.70
N VAL C 181 -10.91 -3.21 29.78
CA VAL C 181 -12.24 -3.74 30.05
C VAL C 181 -12.59 -3.40 31.50
N ASP C 182 -13.85 -3.04 31.72
CA ASP C 182 -14.35 -2.76 33.06
C ASP C 182 -15.81 -3.23 33.08
N GLY C 183 -15.98 -4.46 33.56
CA GLY C 183 -17.28 -5.10 33.54
C GLY C 183 -17.64 -5.42 32.11
N ARG C 184 -18.77 -4.90 31.65
CA ARG C 184 -19.22 -5.09 30.27
C ARG C 184 -18.73 -3.97 29.33
N LYS C 185 -18.00 -3.00 29.91
CA LYS C 185 -17.53 -1.83 29.19
C LYS C 185 -16.13 -1.99 28.65
N ILE C 186 -16.04 -1.95 27.32
CA ILE C 186 -14.80 -2.21 26.59
C ILE C 186 -14.31 -0.91 25.96
N THR C 187 -13.05 -0.55 26.18
CA THR C 187 -12.43 0.59 25.51
C THR C 187 -11.41 0.11 24.48
N THR C 188 -11.52 0.67 23.28
CA THR C 188 -10.71 0.21 22.14
C THR C 188 -10.22 1.44 21.39
N ALA C 189 -8.98 1.42 20.93
CA ALA C 189 -8.42 2.56 20.22
C ALA C 189 -7.86 2.14 18.86
N GLY C 190 -7.83 3.07 17.92
CA GLY C 190 -7.26 2.79 16.58
C GLY C 190 -6.86 4.03 15.83
N ASP C 191 -6.26 3.84 14.66
CA ASP C 191 -5.87 4.97 13.80
C ASP C 191 -5.66 4.52 12.37
N ILE C 192 -5.67 5.51 11.47
CA ILE C 192 -5.33 5.36 10.08
C ILE C 192 -4.08 6.19 9.87
N ARG C 193 -3.05 5.56 9.29
CA ARG C 193 -1.77 6.18 8.95
C ARG C 193 -1.42 6.09 7.46
N THR C 194 -0.68 7.07 6.97
CA THR C 194 -0.10 7.00 5.65
C THR C 194 1.14 6.10 5.75
N ALA C 195 1.75 5.78 4.61
CA ALA C 195 2.84 4.79 4.53
C ALA C 195 4.13 5.25 5.23
N ASP C 196 4.27 6.55 5.41
CA ASP C 196 5.38 7.10 6.19
C ASP C 196 5.16 6.95 7.70
N GLY C 197 3.95 6.52 8.11
CA GLY C 197 3.67 6.32 9.53
C GLY C 197 2.91 7.46 10.20
N GLN C 198 2.64 8.52 9.47
CA GLN C 198 1.93 9.65 10.04
C GLN C 198 0.43 9.38 10.23
N VAL C 199 -0.09 9.75 11.40
CA VAL C 199 -1.48 9.50 11.76
C VAL C 199 -2.40 10.50 11.07
N CYS C 200 -3.37 10.00 10.31
CA CYS C 200 -4.34 10.85 9.66
C CYS C 200 -5.59 11.04 10.52
N VAL C 201 -6.06 9.93 11.08
CA VAL C 201 -7.33 9.90 11.83
C VAL C 201 -7.11 8.98 13.01
N SER C 202 -7.64 9.33 14.17
CA SER C 202 -7.54 8.44 15.31
C SER C 202 -8.91 8.25 15.90
N VAL C 203 -9.08 7.16 16.63
CA VAL C 203 -10.37 6.86 17.22
C VAL C 203 -10.20 6.26 18.60
N GLU C 204 -11.11 6.60 19.50
CA GLU C 204 -11.32 5.92 20.75
C GLU C 204 -12.78 5.44 20.76
N GLY C 205 -12.99 4.13 20.95
CA GLY C 205 -14.34 3.58 20.93
C GLY C 205 -14.71 2.97 22.28
N LEU C 206 -15.97 3.11 22.67
CA LEU C 206 -16.51 2.43 23.84
C LEU C 206 -17.53 1.42 23.38
N PHE C 207 -17.40 0.19 23.86
CA PHE C 207 -18.31 -0.88 23.49
C PHE C 207 -18.91 -1.51 24.74
N VAL C 208 -20.12 -2.04 24.59
CA VAL C 208 -20.81 -2.71 25.70
C VAL C 208 -21.09 -4.16 25.32
N ASP C 209 -20.58 -5.06 26.14
CA ASP C 209 -20.82 -6.49 25.99
C ASP C 209 -22.21 -6.82 26.50
N LYS C 210 -23.11 -7.16 25.57
CA LYS C 210 -24.50 -7.50 25.89
C LYS C 210 -24.75 -9.01 25.73
N THR C 211 -23.68 -9.80 25.63
CA THR C 211 -23.82 -11.24 25.50
C THR C 211 -24.42 -11.83 26.77
N GLY D 15 -39.33 22.67 2.30
CA GLY D 15 -38.05 21.92 2.22
C GLY D 15 -37.39 22.07 0.86
N THR D 16 -35.95 22.27 0.93
CA THR D 16 -35.26 22.51 -0.33
C THR D 16 -34.30 21.36 -0.65
N VAL D 17 -34.58 20.64 -1.75
CA VAL D 17 -33.72 19.50 -2.12
C VAL D 17 -32.32 20.05 -2.31
N LEU D 18 -31.35 19.52 -1.53
CA LEU D 18 -30.00 20.06 -1.54
C LEU D 18 -29.10 19.15 -2.33
N THR D 19 -29.45 17.87 -2.31
CA THR D 19 -28.69 16.87 -3.02
C THR D 19 -29.25 16.73 -4.42
N SER D 20 -28.49 16.07 -5.28
CA SER D 20 -28.94 15.82 -6.64
C SER D 20 -29.47 14.39 -6.70
N PRO D 21 -30.81 14.22 -6.66
CA PRO D 21 -31.41 12.88 -6.70
C PRO D 21 -31.21 12.18 -8.06
N PRO D 22 -31.16 10.83 -8.07
CA PRO D 22 -31.11 10.06 -9.32
C PRO D 22 -32.34 10.25 -10.21
N GLY D 24 -32.83 10.34 -13.76
CA GLY D 24 -33.30 10.65 -15.21
C GLY D 24 -32.38 9.85 -16.17
N SER D 25 -31.18 10.46 -16.36
CA SER D 25 -30.01 9.81 -16.96
C SER D 25 -30.20 8.29 -16.91
N ALA D 26 -29.82 7.53 -17.95
CA ALA D 26 -28.56 7.70 -18.63
C ALA D 26 -27.62 7.07 -17.59
N VAL D 27 -26.74 7.89 -17.02
CA VAL D 27 -25.76 7.41 -16.06
C VAL D 27 -26.40 7.05 -14.72
N ASP D 28 -27.50 7.69 -14.39
CA ASP D 28 -28.21 7.45 -13.13
C ASP D 28 -28.96 6.12 -13.14
N ARG D 29 -29.60 5.81 -14.27
CA ARG D 29 -30.22 4.49 -14.45
C ARG D 29 -29.18 3.35 -14.38
N ALA D 30 -28.00 3.55 -14.99
CA ALA D 30 -26.92 2.57 -14.91
C ALA D 30 -26.42 2.42 -13.46
N THR D 31 -26.27 3.52 -12.75
CA THR D 31 -25.80 3.46 -11.37
C THR D 31 -26.84 2.76 -10.47
N ASP D 32 -28.11 3.06 -10.69
CA ASP D 32 -29.17 2.39 -9.96
C ASP D 32 -29.11 0.88 -10.20
N ALA D 33 -28.93 0.49 -11.47
CA ALA D 33 -28.78 -0.92 -11.81
C ALA D 33 -27.56 -1.54 -11.13
N ALA D 34 -26.46 -0.80 -11.07
CA ALA D 34 -25.28 -1.32 -10.34
C ALA D 34 -25.61 -1.54 -8.84
N ARG D 35 -26.36 -0.62 -8.25
CA ARG D 35 -26.79 -0.76 -6.85
C ARG D 35 -27.58 -2.05 -6.65
N ARG D 36 -28.42 -2.33 -7.64
CA ARG D 36 -29.20 -3.55 -7.69
C ARG D 36 -28.30 -4.78 -7.75
N VAL D 37 -27.25 -4.74 -8.56
CA VAL D 37 -26.29 -5.86 -8.62
C VAL D 37 -25.59 -6.07 -7.26
N VAL D 38 -25.11 -5.00 -6.67
CA VAL D 38 -24.44 -5.01 -5.36
C VAL D 38 -25.29 -5.72 -4.29
N ASP D 39 -26.57 -5.38 -4.21
CA ASP D 39 -27.51 -6.01 -3.28
C ASP D 39 -27.64 -7.50 -3.64
N ALA D 40 -27.91 -7.79 -4.91
CA ALA D 40 -28.13 -9.17 -5.36
C ALA D 40 -26.93 -10.10 -5.08
N LEU D 41 -25.72 -9.56 -5.22
CA LEU D 41 -24.51 -10.36 -4.98
C LEU D 41 -24.39 -10.92 -3.54
N LEU D 42 -24.87 -10.15 -2.57
CA LEU D 42 -24.94 -10.58 -1.16
C LEU D 42 -25.99 -11.67 -0.85
N ARG D 43 -26.93 -11.85 -1.77
CA ARG D 43 -28.08 -12.71 -1.59
C ARG D 43 -28.04 -13.92 -2.52
N THR D 44 -27.10 -13.93 -3.46
CA THR D 44 -27.20 -14.85 -4.60
C THR D 44 -26.53 -16.20 -4.27
N ASP D 45 -26.82 -17.23 -5.06
CA ASP D 45 -26.26 -18.57 -4.84
C ASP D 45 -24.82 -18.64 -5.28
N ARG D 46 -23.94 -18.92 -4.33
CA ARG D 46 -22.51 -19.04 -4.61
C ARG D 46 -22.16 -20.24 -5.50
N GLY D 47 -23.05 -21.23 -5.54
CA GLY D 47 -22.83 -22.43 -6.34
C GLY D 47 -23.35 -22.34 -7.76
N ASN D 48 -23.78 -21.15 -8.17
CA ASN D 48 -24.33 -20.93 -9.51
C ASN D 48 -23.19 -20.85 -10.53
N ALA D 49 -23.13 -21.85 -11.40
CA ALA D 49 -22.09 -21.95 -12.42
C ALA D 49 -22.04 -20.71 -13.32
N ASN D 50 -23.19 -20.07 -13.51
CA ASN D 50 -23.27 -18.87 -14.36
C ASN D 50 -22.48 -17.67 -13.88
N LEU D 51 -22.10 -17.67 -12.60
CA LEU D 51 -21.26 -16.59 -12.08
C LEU D 51 -19.96 -16.38 -12.85
N GLU D 52 -19.43 -17.44 -13.45
CA GLU D 52 -18.25 -17.31 -14.34
C GLU D 52 -18.54 -16.31 -15.48
N ARG D 53 -19.61 -16.57 -16.23
CA ARG D 53 -20.06 -15.63 -17.26
C ARG D 53 -20.44 -14.27 -16.70
N VAL D 54 -21.15 -14.23 -15.57
CA VAL D 54 -21.53 -12.93 -14.96
C VAL D 54 -20.28 -12.06 -14.68
N ALA D 55 -19.21 -12.67 -14.16
CA ALA D 55 -18.00 -11.91 -13.88
C ALA D 55 -17.41 -11.36 -15.21
N GLU D 56 -17.40 -12.18 -16.25
CA GLU D 56 -16.97 -11.74 -17.57
C GLU D 56 -17.80 -10.55 -18.06
N GLU D 57 -19.13 -10.62 -17.90
CA GLU D 57 -19.99 -9.53 -18.36
C GLU D 57 -19.73 -8.25 -17.58
N LEU D 58 -19.71 -8.35 -16.26
CA LEU D 58 -19.40 -7.17 -15.42
C LEU D 58 -18.05 -6.54 -15.78
N ASN D 59 -17.05 -7.37 -16.01
CA ASN D 59 -15.73 -6.87 -16.43
C ASN D 59 -15.78 -6.20 -17.80
N SER D 60 -16.60 -6.75 -18.70
CA SER D 60 -16.77 -6.19 -20.03
C SER D 60 -17.39 -4.80 -19.94
N ILE D 61 -18.44 -4.70 -19.13
CA ILE D 61 -19.10 -3.43 -18.85
C ILE D 61 -18.12 -2.43 -18.25
N ALA D 62 -17.38 -2.87 -17.24
CA ALA D 62 -16.36 -2.01 -16.62
C ALA D 62 -15.40 -1.53 -17.71
N GLY D 63 -14.89 -2.44 -18.53
CA GLY D 63 -13.99 -2.06 -19.66
C GLY D 63 -14.58 -0.98 -20.57
N HIS D 64 -15.85 -1.12 -20.96
CA HIS D 64 -16.54 -0.13 -21.77
C HIS D 64 -16.56 1.27 -21.09
N LEU D 65 -16.95 1.28 -19.82
CA LEU D 65 -17.08 2.52 -19.06
C LEU D 65 -15.73 3.22 -18.92
N GLU D 66 -14.67 2.43 -18.76
CA GLU D 66 -13.32 2.96 -18.61
C GLU D 66 -12.80 3.56 -19.91
N GLU D 67 -13.21 2.96 -21.02
CA GLU D 67 -12.77 3.44 -22.32
C GLU D 67 -13.53 4.66 -22.78
N HIS D 68 -14.71 4.88 -22.20
CA HIS D 68 -15.54 6.04 -22.49
C HIS D 68 -15.50 7.06 -21.34
N ALA D 69 -14.34 7.65 -21.11
CA ALA D 69 -14.23 8.68 -20.10
C ALA D 69 -14.29 10.01 -20.81
N PRO D 70 -14.74 11.07 -20.13
CA PRO D 70 -14.83 12.35 -20.85
C PRO D 70 -13.44 12.91 -21.09
N ALA D 71 -13.31 13.77 -22.10
CA ALA D 71 -12.04 14.40 -22.43
C ALA D 71 -11.47 15.17 -21.24
N VAL D 72 -12.36 15.77 -20.44
CA VAL D 72 -11.98 16.42 -19.18
C VAL D 72 -12.87 15.89 -18.05
N ALA D 73 -12.26 15.57 -16.92
CA ALA D 73 -12.96 14.99 -15.77
C ALA D 73 -13.94 15.98 -15.19
N GLU D 74 -15.13 15.51 -14.80
CA GLU D 74 -16.12 16.43 -14.23
C GLU D 74 -15.60 17.06 -12.94
N ARG D 75 -15.81 18.36 -12.80
CA ARG D 75 -15.33 19.10 -11.64
C ARG D 75 -16.08 18.68 -10.38
N LEU D 76 -15.36 18.65 -9.27
CA LEU D 76 -15.93 18.19 -7.99
C LEU D 76 -16.21 19.39 -7.09
N ILE D 77 -17.29 19.30 -6.31
CA ILE D 77 -17.68 20.36 -5.36
C ILE D 77 -17.03 20.08 -4.00
N ASP D 78 -16.22 21.02 -3.51
CA ASP D 78 -15.62 20.84 -2.20
C ASP D 78 -16.52 21.51 -1.18
N TRP D 80 -16.64 21.09 2.08
CA TRP D 80 -15.95 21.44 3.33
C TRP D 80 -15.18 22.75 3.22
N ASN D 81 -15.11 23.24 1.98
CA ASN D 81 -14.46 24.49 1.69
C ASN D 81 -15.43 25.50 1.06
N GLY D 82 -16.73 25.28 1.28
CA GLY D 82 -17.76 26.28 0.98
C GLY D 82 -18.32 26.34 -0.42
N GLU D 83 -18.06 25.30 -1.22
CA GLU D 83 -18.40 25.34 -2.64
C GLU D 83 -19.80 24.86 -3.00
N GLY D 84 -20.54 24.35 -2.01
CA GLY D 84 -21.90 23.84 -2.21
C GLY D 84 -21.97 22.39 -1.76
N VAL D 85 -23.15 21.77 -1.91
CA VAL D 85 -23.33 20.35 -1.54
C VAL D 85 -22.60 19.45 -2.55
N THR D 86 -21.89 18.42 -2.06
CA THR D 86 -21.21 17.47 -2.95
C THR D 86 -22.22 16.63 -3.74
N ARG D 87 -21.80 16.20 -4.93
CA ARG D 87 -22.61 15.31 -5.73
C ARG D 87 -21.90 13.97 -6.02
N HIS D 88 -20.72 13.78 -5.43
CA HIS D 88 -19.88 12.59 -5.75
C HIS D 88 -19.69 11.61 -4.59
N ASP D 89 -20.29 11.93 -3.45
CA ASP D 89 -19.94 11.29 -2.19
C ASP D 89 -20.66 9.96 -2.01
N PRO D 90 -20.11 9.07 -1.15
CA PRO D 90 -20.75 7.77 -0.92
C PRO D 90 -21.99 7.80 -0.01
N VAL D 91 -22.58 8.97 0.22
CA VAL D 91 -23.80 9.03 1.00
C VAL D 91 -24.98 9.48 0.11
N THR D 92 -24.73 10.49 -0.72
CA THR D 92 -25.79 11.10 -1.51
C THR D 92 -25.58 11.09 -3.03
N GLY D 93 -24.42 10.63 -3.49
CA GLY D 93 -24.05 10.79 -4.92
C GLY D 93 -24.84 9.93 -5.89
N PRO D 94 -25.57 10.58 -6.83
CA PRO D 94 -26.40 9.80 -7.74
C PRO D 94 -25.62 8.89 -8.70
N GLU D 95 -24.34 9.18 -8.94
CA GLU D 95 -23.52 8.30 -9.78
C GLU D 95 -22.58 7.41 -8.95
N ASN D 96 -22.74 7.45 -7.62
CA ASN D 96 -21.90 6.68 -6.72
C ASN D 96 -22.70 5.48 -6.20
N ALA D 97 -22.39 4.27 -6.67
CA ALA D 97 -23.28 3.13 -6.36
C ALA D 97 -23.15 2.71 -4.88
N LEU D 98 -22.21 3.31 -4.17
CA LEU D 98 -22.01 3.02 -2.72
C LEU D 98 -22.98 3.80 -1.85
N ALA D 99 -23.51 4.88 -2.43
CA ALA D 99 -24.49 5.74 -1.79
C ALA D 99 -25.83 5.06 -1.89
N PRO D 100 -26.60 5.05 -0.78
CA PRO D 100 -27.96 4.52 -0.87
C PRO D 100 -28.76 4.87 -2.13
N PRO D 101 -28.83 6.16 -2.55
CA PRO D 101 -28.30 7.39 -1.97
C PRO D 101 -29.29 8.04 -1.01
N VAL D 102 -28.79 8.89 -0.12
CA VAL D 102 -29.70 9.65 0.74
C VAL D 102 -30.07 10.98 0.06
N VAL D 103 -31.35 11.32 0.07
CA VAL D 103 -31.79 12.63 -0.42
C VAL D 103 -31.99 13.59 0.75
N LEU D 104 -31.32 14.74 0.72
CA LEU D 104 -31.40 15.68 1.82
C LEU D 104 -32.04 16.99 1.38
N GLU D 105 -32.99 17.47 2.17
CA GLU D 105 -33.54 18.80 1.98
C GLU D 105 -33.21 19.76 3.15
N GLY D 106 -33.22 21.07 2.86
CA GLY D 106 -32.93 22.09 3.88
C GLY D 106 -34.17 22.82 4.37
N LEU D 107 -34.33 22.89 5.69
CA LEU D 107 -35.53 23.53 6.28
C LEU D 107 -35.25 24.97 6.69
N SER D 108 -36.32 25.79 6.72
CA SER D 108 -36.17 27.22 7.03
C SER D 108 -35.59 27.51 8.43
N ASP D 109 -35.70 26.55 9.35
CA ASP D 109 -35.03 26.64 10.66
C ASP D 109 -33.51 26.36 10.60
N GLY D 110 -32.98 26.00 9.44
CA GLY D 110 -31.54 25.73 9.30
C GLY D 110 -31.15 24.27 9.42
N SER D 111 -32.10 23.42 9.82
CA SER D 111 -31.82 22.01 9.87
C SER D 111 -31.85 21.39 8.48
N VAL D 112 -31.20 20.23 8.36
CA VAL D 112 -31.19 19.45 7.15
C VAL D 112 -31.80 18.10 7.49
N ARG D 113 -32.50 17.51 6.54
CA ARG D 113 -33.23 16.29 6.82
C ARG D 113 -33.35 15.42 5.59
N GLY D 114 -33.31 14.11 5.81
CA GLY D 114 -33.50 13.12 4.77
C GLY D 114 -34.11 11.89 5.39
N THR D 115 -34.75 11.07 4.55
CA THR D 115 -35.33 9.82 5.01
C THR D 115 -34.77 8.72 4.13
N VAL D 116 -34.24 7.66 4.75
CA VAL D 116 -33.62 6.58 3.99
C VAL D 116 -33.95 5.22 4.59
N THR D 117 -34.20 4.26 3.71
CA THR D 117 -34.37 2.88 4.10
C THR D 117 -33.12 2.14 3.66
N LEU D 118 -32.42 1.58 4.63
CA LEU D 118 -31.15 0.93 4.34
C LEU D 118 -31.27 -0.57 4.12
N THR D 119 -30.35 -1.08 3.31
CA THR D 119 -30.43 -2.41 2.71
C THR D 119 -29.19 -3.25 3.10
N ILE D 120 -29.18 -4.53 2.72
CA ILE D 120 -28.17 -5.46 3.26
C ILE D 120 -26.67 -5.18 3.02
N PRO D 121 -26.30 -4.44 1.94
CA PRO D 121 -24.87 -4.09 1.89
C PRO D 121 -24.43 -3.26 3.10
N TYR D 122 -25.39 -2.57 3.75
CA TYR D 122 -25.08 -1.67 4.90
C TYR D 122 -25.10 -2.36 6.30
N GLN D 123 -25.29 -3.69 6.28
CA GLN D 123 -25.49 -4.51 7.47
C GLN D 123 -24.27 -4.65 8.37
N GLY D 124 -24.49 -4.53 9.68
CA GLY D 124 -23.47 -4.91 10.66
C GLY D 124 -24.09 -6.06 11.43
N PRO D 125 -24.60 -5.80 12.64
CA PRO D 125 -25.30 -6.88 13.32
C PRO D 125 -26.45 -7.29 12.43
N PRO D 126 -26.76 -8.60 12.35
CA PRO D 126 -27.83 -9.04 11.46
C PRO D 126 -29.12 -8.27 11.65
N GLY D 127 -29.63 -7.73 10.55
CA GLY D 127 -30.92 -7.05 10.54
C GLY D 127 -30.72 -5.57 10.83
N HIS D 128 -29.46 -5.18 11.09
CA HIS D 128 -29.19 -3.82 11.55
C HIS D 128 -28.12 -3.09 10.77
N VAL D 129 -28.15 -1.75 10.82
CA VAL D 129 -27.17 -0.92 10.16
C VAL D 129 -25.83 -1.03 10.89
N HIS D 130 -24.75 -1.32 10.17
CA HIS D 130 -23.42 -1.25 10.76
C HIS D 130 -23.23 0.10 11.47
N GLY D 131 -22.69 0.09 12.68
CA GLY D 131 -22.45 1.34 13.44
C GLY D 131 -21.62 2.36 12.67
N GLY D 132 -20.71 1.85 11.85
CA GLY D 132 -19.83 2.70 11.08
C GLY D 132 -20.54 3.35 9.90
N VAL D 133 -21.55 2.65 9.38
CA VAL D 133 -22.41 3.22 8.34
C VAL D 133 -23.24 4.36 8.92
N SER D 134 -23.80 4.16 10.09
CA SER D 134 -24.51 5.25 10.76
C SER D 134 -23.60 6.44 10.96
N ALA D 135 -22.35 6.18 11.35
CA ALA D 135 -21.35 7.22 11.51
C ALA D 135 -21.06 7.93 10.22
N LEU D 136 -20.90 7.17 9.12
CA LEU D 136 -20.65 7.74 7.80
C LEU D 136 -21.80 8.64 7.39
N LEU D 137 -23.04 8.13 7.52
CA LEU D 137 -24.23 8.91 7.15
C LEU D 137 -24.30 10.22 7.91
N LEU D 138 -24.13 10.12 9.23
CA LEU D 138 -24.25 11.28 10.10
C LEU D 138 -23.16 12.30 9.84
N ASP D 139 -21.93 11.83 9.60
CA ASP D 139 -20.81 12.71 9.26
C ASP D 139 -21.19 13.56 8.04
N HIS D 140 -21.72 12.91 7.02
CA HIS D 140 -22.13 13.65 5.82
C HIS D 140 -23.28 14.63 6.06
N VAL D 141 -24.29 14.21 6.84
CA VAL D 141 -25.41 15.10 7.14
C VAL D 141 -24.92 16.36 7.86
N LEU D 142 -23.93 16.22 8.74
CA LEU D 142 -23.36 17.41 9.43
C LEU D 142 -22.65 18.36 8.44
N GLY D 143 -21.94 17.79 7.48
CA GLY D 143 -21.37 18.57 6.37
C GLY D 143 -22.42 19.35 5.60
N VAL D 144 -23.47 18.67 5.18
CA VAL D 144 -24.59 19.34 4.50
C VAL D 144 -25.21 20.39 5.41
N ALA D 145 -25.52 20.04 6.67
CA ALA D 145 -26.04 21.03 7.60
C ALA D 145 -25.21 22.31 7.67
N ASN D 146 -23.89 22.16 7.72
CA ASN D 146 -23.00 23.31 7.71
C ASN D 146 -23.15 24.18 6.45
N ALA D 147 -23.14 23.53 5.29
CA ALA D 147 -23.32 24.19 4.00
C ALA D 147 -24.65 24.90 3.96
N TRP D 148 -25.72 24.22 4.38
CA TRP D 148 -27.05 24.85 4.44
C TRP D 148 -27.08 26.03 5.43
N GLY D 149 -26.32 25.90 6.52
CA GLY D 149 -26.22 26.97 7.51
C GLY D 149 -25.30 28.09 7.07
N GLY D 150 -24.84 28.01 5.81
CA GLY D 150 -23.89 28.98 5.24
C GLY D 150 -22.53 28.96 5.91
N LYS D 151 -22.13 27.81 6.44
CA LYS D 151 -20.80 27.64 7.02
C LYS D 151 -20.15 26.41 6.39
N ALA D 152 -18.83 26.40 6.33
CA ALA D 152 -18.15 25.24 5.81
C ALA D 152 -16.86 25.13 6.55
N GLY D 153 -16.63 23.97 7.15
CA GLY D 153 -15.44 23.73 7.93
C GLY D 153 -14.87 22.36 7.69
N THR D 155 -13.58 18.92 9.08
CA THR D 155 -13.93 18.12 10.26
C THR D 155 -12.72 17.94 11.17
N ALA D 156 -12.89 18.31 12.43
CA ALA D 156 -11.84 18.16 13.42
C ALA D 156 -12.10 16.94 14.30
N GLN D 157 -13.35 16.80 14.74
CA GLN D 157 -13.75 15.73 15.64
C GLN D 157 -15.22 15.37 15.46
N LEU D 158 -15.53 14.08 15.56
CA LEU D 158 -16.88 13.57 15.37
C LEU D 158 -17.16 12.57 16.48
N SER D 159 -18.11 12.87 17.37
CA SER D 159 -18.42 11.98 18.48
C SER D 159 -19.78 11.38 18.25
N THR D 160 -19.79 10.06 18.04
CA THR D 160 -21.01 9.35 17.69
C THR D 160 -21.43 8.46 18.86
N ARG D 161 -22.71 8.53 19.19
CA ARG D 161 -23.25 7.80 20.35
C ARG D 161 -24.41 6.93 19.95
N TYR D 162 -24.42 5.68 20.41
CA TYR D 162 -25.39 4.69 19.94
C TYR D 162 -26.38 4.39 21.04
N HIS D 163 -27.64 4.79 20.83
CA HIS D 163 -28.67 4.79 21.89
C HIS D 163 -29.61 3.60 21.81
N ARG D 164 -29.96 3.23 20.59
CA ARG D 164 -30.89 2.15 20.33
C ARG D 164 -30.47 1.44 19.05
N PRO D 165 -30.80 0.15 18.91
CA PRO D 165 -30.40 -0.49 17.65
C PRO D 165 -30.99 0.20 16.43
N THR D 166 -30.22 0.22 15.36
CA THR D 166 -30.59 0.92 14.13
C THR D 166 -30.98 -0.12 13.10
N PRO D 167 -32.28 -0.25 12.78
CA PRO D 167 -32.77 -1.30 11.88
C PRO D 167 -32.56 -1.06 10.38
N LEU D 168 -32.30 -2.14 9.65
CA LEU D 168 -32.35 -2.13 8.18
C LEU D 168 -33.80 -2.27 7.79
N PHE D 169 -34.10 -2.02 6.51
CA PHE D 169 -35.38 -2.38 5.88
C PHE D 169 -36.58 -1.56 6.36
N GLU D 170 -36.30 -0.50 7.12
CA GLU D 170 -37.39 0.45 7.42
C GLU D 170 -36.86 1.87 7.33
N PRO D 171 -37.77 2.85 7.16
CA PRO D 171 -37.37 4.26 7.06
C PRO D 171 -36.74 4.86 8.31
N LEU D 172 -35.58 5.47 8.10
CA LEU D 172 -34.83 6.16 9.13
C LEU D 172 -34.78 7.62 8.73
N THR D 173 -34.95 8.49 9.71
CA THR D 173 -34.85 9.93 9.46
C THR D 173 -33.48 10.40 9.94
N LEU D 174 -32.73 11.05 9.05
CA LEU D 174 -31.42 11.59 9.39
C LEU D 174 -31.48 13.09 9.44
N THR D 175 -31.09 13.68 10.57
CA THR D 175 -31.21 15.13 10.75
C THR D 175 -29.86 15.71 11.16
N GLY D 176 -29.58 16.92 10.71
CA GLY D 176 -28.35 17.61 11.10
C GLY D 176 -28.65 19.09 11.19
N LYS D 177 -27.91 19.80 12.04
CA LYS D 177 -28.11 21.24 12.19
C LYS D 177 -26.92 21.88 12.87
N LEU D 178 -26.48 23.00 12.31
CA LEU D 178 -25.44 23.81 12.89
C LEU D 178 -25.98 24.33 14.21
N SER D 180 -23.84 26.04 16.97
CA SER D 180 -23.18 27.20 17.51
C SER D 180 -21.91 27.46 16.71
N VAL D 181 -21.49 28.71 16.74
CA VAL D 181 -20.32 29.17 16.01
C VAL D 181 -19.51 30.04 16.96
N ASP D 182 -18.21 29.74 17.03
CA ASP D 182 -17.30 30.45 17.92
C ASP D 182 -16.01 30.75 17.16
N GLY D 183 -16.03 31.84 16.40
CA GLY D 183 -14.93 32.20 15.51
C GLY D 183 -14.77 31.16 14.42
N ARG D 184 -13.60 30.50 14.41
CA ARG D 184 -13.29 29.43 13.47
C ARG D 184 -13.96 28.11 13.86
N LYS D 185 -14.36 28.00 15.13
CA LYS D 185 -14.86 26.75 15.71
C LYS D 185 -16.37 26.58 15.54
N ILE D 186 -16.74 25.57 14.76
CA ILE D 186 -18.13 25.30 14.44
C ILE D 186 -18.58 24.03 15.15
N THR D 187 -19.80 24.05 15.70
CA THR D 187 -20.38 22.86 16.33
C THR D 187 -21.70 22.53 15.65
N THR D 188 -21.83 21.27 15.25
CA THR D 188 -22.94 20.77 14.46
C THR D 188 -23.40 19.46 15.08
N ALA D 189 -24.71 19.28 15.19
CA ALA D 189 -25.24 18.08 15.80
C ALA D 189 -26.30 17.43 14.92
N GLY D 190 -26.52 16.14 15.14
CA GLY D 190 -27.46 15.40 14.34
C GLY D 190 -27.83 14.09 14.98
N ASP D 191 -28.83 13.42 14.42
CA ASP D 191 -29.26 12.12 14.89
C ASP D 191 -29.94 11.30 13.79
N ILE D 192 -29.98 9.98 13.97
CA ILE D 192 -30.82 9.08 13.19
C ILE D 192 -31.95 8.63 14.11
N ARG D 193 -33.20 8.81 13.65
CA ARG D 193 -34.41 8.36 14.34
C ARG D 193 -35.17 7.34 13.51
N THR D 194 -35.86 6.42 14.17
CA THR D 194 -36.81 5.55 13.48
C THR D 194 -38.12 6.35 13.32
N ALA D 195 -39.06 5.86 12.51
CA ALA D 195 -40.34 6.57 12.23
C ALA D 195 -41.10 7.06 13.46
N ASP D 196 -40.96 6.34 14.56
CA ASP D 196 -41.66 6.71 15.81
C ASP D 196 -41.00 7.90 16.52
N GLY D 197 -39.90 8.39 15.96
CA GLY D 197 -39.20 9.56 16.49
C GLY D 197 -38.06 9.25 17.44
N GLN D 198 -37.90 7.98 17.80
CA GLN D 198 -36.91 7.57 18.79
C GLN D 198 -35.51 7.63 18.19
N VAL D 199 -34.55 8.12 18.98
CA VAL D 199 -33.18 8.36 18.53
C VAL D 199 -32.37 7.06 18.63
N CYS D 200 -31.81 6.60 17.51
CA CYS D 200 -30.95 5.41 17.51
C CYS D 200 -29.52 5.79 17.71
N VAL D 201 -29.10 6.82 16.97
CA VAL D 201 -27.70 7.25 16.94
C VAL D 201 -27.74 8.76 16.89
N SER D 202 -26.87 9.40 17.67
CA SER D 202 -26.74 10.85 17.64
C SER D 202 -25.28 11.15 17.38
N VAL D 203 -25.00 12.38 16.97
CA VAL D 203 -23.64 12.82 16.73
C VAL D 203 -23.48 14.29 17.10
N GLU D 204 -22.28 14.65 17.53
CA GLU D 204 -21.88 16.02 17.63
C GLU D 204 -20.54 16.14 16.96
N GLY D 205 -20.48 17.03 15.98
CA GLY D 205 -19.26 17.30 15.21
C GLY D 205 -18.65 18.64 15.50
N LEU D 206 -17.32 18.67 15.51
CA LEU D 206 -16.57 19.90 15.61
C LEU D 206 -15.84 20.12 14.29
N PHE D 207 -16.01 21.32 13.73
CA PHE D 207 -15.41 21.68 12.44
C PHE D 207 -14.61 22.96 12.61
N VAL D 208 -13.67 23.20 11.69
CA VAL D 208 -12.85 24.44 11.73
C VAL D 208 -12.98 25.24 10.44
#